data_4R8U
#
_entry.id   4R8U
#
_cell.length_a   86.950
_cell.length_b   57.210
_cell.length_c   110.600
_cell.angle_alpha   90.00
_cell.angle_beta   94.69
_cell.angle_gamma   90.00
#
_symmetry.space_group_name_H-M   'P 1 21 1'
#
loop_
_entity.id
_entity.type
_entity.pdbx_description
1 polymer 'DNA polymerase IV'
2 polymer 'DNA polymerase IV'
3 polymer DNA
4 polymer DNA
5 polymer DNA
6 non-polymer 'MAGNESIUM ION'
7 non-polymer "5'-O-[(R)-hydroxy{[(R)-hydroxy(phosphonooxy)phosphoryl]amino}phosphoryl]thymidine"
8 water water
#
loop_
_entity_poly.entity_id
_entity_poly.type
_entity_poly.pdbx_seq_one_letter_code
_entity_poly.pdbx_strand_id
1 'polypeptide(L)'
;SRKIIHVDMDCFFAAVEMRDNPALRDIPIAIGGSRERRGVISTANYPARKFGVRSAMPTGMALKLCPHLTLLPGRFDAYK
EASNHIREIFSRYTSRIEPLSLDEAYLDVTDSVHCHGSATLIAQEIRQTIFNELQLTASAGVAPVKFLAKIASDMNKPNG
QFVITPAEVPAFLQTLPLAKIPGVGKVSAAKLEAMGLRTCGDVQKCDLVMLLKRFGKFGRILWERSQGIDERDVNSERLR
KSVGVERTMAEDIHHWSECEAIIERLYPELERRLAKVKPDLLIARQGVKLKFDDFQQTTQEHVWPRLNKADLIATARKTW
DERRGGRGVRLVGLHVTLLD
;
A
2 'polypeptide(L)'
;RKIIHVDMDCFFAAVEMRDNPALRDIPIAIGGSRERRGVISTANYPARKFGVRSAMPTGMALKLCPHLTLLPGRFDAYKE
ASNHIREIFSRYTSRIEPLSLDEAYLDVTDSVHCHGSATLIAQEIRQTIFNELQLTASAGVAPVKFLAKIASDMNKPNGQ
FVITPAEVPAFLQTLPLAKIPGVGKVSAAKLEAMGLRTCGDVQKCDLVMLLKRFGKFGRILWERSQGIDERDVNSERLRK
SVGVERTMAEDIHHWSECEAIIERLYPELERRLAKVKPDLLIARQGVKLKFDDFQQTTQEHVWPRLNKADLIATARKTWD
ERRGGRGVRLVGLHVTLD
;
B
3 'polydeoxyribonucleotide' (DC)(DT)(DA)(DG)(DG)(DG)(DT)(DC)(DC)(DT)(DA)(DG)(DG)(DA)(DC)(DC)(DC) V,C
4 'polydeoxyribonucleotide' (DT)(DC)(DT)(DA)(DG)(DG)(DG)(DT)(DC)(DC)(DT)(DA)(DG)(DG)(DA)(DC)(DC)(DC) W
5 'polydeoxyribonucleotide' (DT)(DA)(DG)(DG)(DG)(DT)(DC)(DC)(DT)(DA)(DG)(DG)(DA)(DC)(DC)(DC) D
#
loop_
_chem_comp.id
_chem_comp.type
_chem_comp.name
_chem_comp.formula
1FZ non-polymer 5'-O-[(R)-hydroxy{[(R)-hydroxy(phosphonooxy)phosphoryl]amino}phosphoryl]thymidine 'C10 H18 N3 O13 P3'
DA DNA linking 2'-DEOXYADENOSINE-5'-MONOPHOSPHATE 'C10 H14 N5 O6 P'
DC DNA linking 2'-DEOXYCYTIDINE-5'-MONOPHOSPHATE 'C9 H14 N3 O7 P'
DG DNA linking 2'-DEOXYGUANOSINE-5'-MONOPHOSPHATE 'C10 H14 N5 O7 P'
DT DNA linking THYMIDINE-5'-MONOPHOSPHATE 'C10 H15 N2 O8 P'
MG non-polymer 'MAGNESIUM ION' 'Mg 2'
#
# COMPACT_ATOMS: atom_id res chain seq x y z
N SER A 1 -20.02 -15.18 40.67
CA SER A 1 -18.86 -14.95 41.52
C SER A 1 -17.92 -13.89 40.92
N ARG A 2 -18.09 -13.60 39.64
CA ARG A 2 -17.23 -12.63 38.97
C ARG A 2 -17.69 -11.19 39.20
N LYS A 3 -16.81 -10.24 38.93
CA LYS A 3 -17.19 -8.85 38.87
C LYS A 3 -16.85 -8.27 37.47
N ILE A 4 -17.88 -7.88 36.72
CA ILE A 4 -17.66 -7.30 35.38
C ILE A 4 -17.97 -5.82 35.36
N ILE A 5 -17.03 -5.03 34.86
CA ILE A 5 -17.32 -3.64 34.59
C ILE A 5 -17.45 -3.40 33.10
N HIS A 6 -18.54 -2.77 32.69
CA HIS A 6 -18.66 -2.23 31.34
C HIS A 6 -18.52 -0.72 31.39
N VAL A 7 -17.49 -0.20 30.74
CA VAL A 7 -17.20 1.24 30.69
C VAL A 7 -17.59 1.79 29.34
N ASP A 8 -18.15 2.99 29.31
CA ASP A 8 -18.80 3.54 28.12
C ASP A 8 -18.65 5.07 28.10
N MET A 9 -17.89 5.61 27.15
CA MET A 9 -17.74 7.06 26.96
C MET A 9 -19.07 7.71 26.58
N ASP A 10 -19.38 8.84 27.19
CA ASP A 10 -20.61 9.57 26.85
C ASP A 10 -20.47 10.32 25.52
N CYS A 11 -21.51 10.24 24.68
CA CYS A 11 -21.57 10.96 23.39
C CYS A 11 -20.23 11.06 22.71
N PHE A 12 -19.58 9.91 22.55
CA PHE A 12 -18.14 9.87 22.40
C PHE A 12 -17.61 10.81 21.32
N PHE A 13 -18.04 10.61 20.07
CA PHE A 13 -17.56 11.45 18.95
C PHE A 13 -17.83 12.93 19.19
N ALA A 14 -19.04 13.23 19.62
CA ALA A 14 -19.45 14.60 19.92
C ALA A 14 -18.65 15.18 21.07
N ALA A 15 -18.45 14.38 22.11
CA ALA A 15 -17.70 14.81 23.28
C ALA A 15 -16.24 15.21 22.95
N VAL A 16 -15.64 14.55 21.96
CA VAL A 16 -14.27 14.90 21.61
C VAL A 16 -14.25 16.21 20.86
N GLU A 17 -15.19 16.37 19.93
CA GLU A 17 -15.37 17.64 19.23
C GLU A 17 -15.65 18.80 20.20
N MET A 18 -16.45 18.57 21.22
CA MET A 18 -16.77 19.65 22.18
C MET A 18 -15.60 19.98 23.10
N ARG A 19 -14.81 18.97 23.48
CA ARG A 19 -13.60 19.23 24.24
C ARG A 19 -12.68 20.14 23.43
N ASP A 20 -12.38 19.71 22.21
CA ASP A 20 -11.47 20.41 21.31
C ASP A 20 -11.97 21.80 20.87
N ASN A 21 -13.28 21.95 20.73
CA ASN A 21 -13.82 23.26 20.40
C ASN A 21 -14.99 23.65 21.28
N PRO A 22 -14.70 24.32 22.40
CA PRO A 22 -15.69 24.62 23.45
C PRO A 22 -16.93 25.36 22.95
N ALA A 23 -16.82 26.15 21.88
CA ALA A 23 -17.97 26.87 21.36
C ALA A 23 -19.08 25.93 20.88
N LEU A 24 -18.77 24.64 20.74
CA LEU A 24 -19.78 23.65 20.41
C LEU A 24 -20.57 23.10 21.61
N ARG A 25 -20.15 23.44 22.82
CA ARG A 25 -20.65 22.72 24.01
C ARG A 25 -22.16 22.87 24.24
N ASP A 26 -22.72 24.05 24.06
CA ASP A 26 -24.11 24.25 24.40
C ASP A 26 -25.03 24.52 23.21
N ILE A 27 -24.58 24.19 22.01
CA ILE A 27 -25.46 24.19 20.85
C ILE A 27 -25.61 22.77 20.33
N PRO A 28 -26.71 22.47 19.62
CA PRO A 28 -26.90 21.10 19.11
C PRO A 28 -25.95 20.74 17.97
N ILE A 29 -25.12 19.71 18.16
CA ILE A 29 -24.18 19.25 17.14
C ILE A 29 -24.27 17.75 16.90
N ALA A 30 -23.74 17.32 15.77
CA ALA A 30 -23.84 15.93 15.41
C ALA A 30 -22.73 15.60 14.46
N ILE A 31 -22.26 14.35 14.53
CA ILE A 31 -21.30 13.82 13.57
C ILE A 31 -22.07 12.91 12.63
N GLY A 32 -21.92 13.18 11.33
CA GLY A 32 -22.58 12.39 10.31
C GLY A 32 -22.44 13.00 8.93
N GLY A 33 -22.83 12.26 7.91
CA GLY A 33 -22.77 12.78 6.55
C GLY A 33 -23.86 13.78 6.30
N SER A 34 -23.63 14.64 5.33
CA SER A 34 -24.60 15.69 5.03
C SER A 34 -25.77 15.08 4.30
N ARG A 35 -26.82 15.87 4.21
CA ARG A 35 -28.07 15.51 3.54
C ARG A 35 -27.87 15.23 2.04
N GLU A 36 -26.94 15.94 1.41
CA GLU A 36 -26.69 15.74 -0.03
C GLU A 36 -25.75 14.56 -0.26
N ARG A 37 -24.94 14.23 0.74
CA ARG A 37 -24.15 13.00 0.69
C ARG A 37 -25.01 11.78 1.08
N ARG A 38 -26.29 12.04 1.37
CA ARG A 38 -27.25 11.01 1.79
C ARG A 38 -26.81 10.42 3.13
N GLY A 39 -26.29 11.26 3.99
CA GLY A 39 -25.70 10.83 5.24
C GLY A 39 -26.65 10.31 6.30
N VAL A 40 -26.04 9.85 7.37
CA VAL A 40 -26.73 9.27 8.51
C VAL A 40 -26.05 9.88 9.73
N ILE A 41 -26.75 10.01 10.85
CA ILE A 41 -26.12 10.54 12.04
C ILE A 41 -25.29 9.43 12.71
N SER A 42 -24.00 9.67 13.00
CA SER A 42 -23.21 8.71 13.81
C SER A 42 -23.54 8.88 15.27
N THR A 43 -23.50 10.13 15.73
CA THR A 43 -23.94 10.44 17.07
C THR A 43 -24.17 11.95 17.21
N ALA A 44 -24.81 12.32 18.31
CA ALA A 44 -25.26 13.69 18.55
C ALA A 44 -24.98 14.09 19.98
N ASN A 45 -24.76 15.38 20.25
CA ASN A 45 -24.57 15.75 21.64
C ASN A 45 -25.95 15.86 22.33
N TYR A 46 -25.96 16.17 23.62
CA TYR A 46 -27.21 16.15 24.36
C TYR A 46 -28.12 17.34 23.99
N PRO A 47 -27.55 18.51 23.73
CA PRO A 47 -28.46 19.53 23.17
C PRO A 47 -29.19 19.10 21.87
N ALA A 48 -28.56 18.29 21.01
CA ALA A 48 -29.25 17.76 19.83
C ALA A 48 -30.23 16.60 20.17
N ARG A 49 -29.86 15.77 21.14
CA ARG A 49 -30.75 14.67 21.56
C ARG A 49 -32.06 15.22 22.08
N LYS A 50 -32.02 16.37 22.73
CA LYS A 50 -33.24 17.03 23.22
C LYS A 50 -34.28 17.17 22.11
N PHE A 51 -33.81 17.33 20.87
CA PHE A 51 -34.71 17.47 19.71
C PHE A 51 -35.17 16.15 19.09
N GLY A 52 -34.60 15.03 19.54
CA GLY A 52 -34.95 13.73 19.00
C GLY A 52 -33.91 13.14 18.06
N VAL A 53 -32.80 13.86 17.86
CA VAL A 53 -31.70 13.38 17.01
C VAL A 53 -30.99 12.16 17.63
N ARG A 54 -30.96 11.04 16.90
CA ARG A 54 -30.33 9.78 17.38
C ARG A 54 -29.30 9.24 16.40
N SER A 55 -28.43 8.34 16.88
CA SER A 55 -27.56 7.55 16.00
C SER A 55 -28.39 6.80 14.98
N ALA A 56 -27.87 6.70 13.74
CA ALA A 56 -28.46 5.89 12.66
C ALA A 56 -29.68 6.57 12.05
N MET A 57 -29.95 7.79 12.45
CA MET A 57 -31.04 8.55 11.87
C MET A 57 -30.55 9.21 10.57
N PRO A 58 -31.33 9.07 9.49
CA PRO A 58 -31.02 9.82 8.26
C PRO A 58 -30.85 11.30 8.54
N THR A 59 -29.77 11.88 8.03
CA THR A 59 -29.45 13.27 8.32
C THR A 59 -30.60 14.22 7.91
N GLY A 60 -31.29 13.90 6.82
CA GLY A 60 -32.47 14.66 6.43
C GLY A 60 -33.52 14.71 7.52
N MET A 61 -33.67 13.61 8.25
CA MET A 61 -34.67 13.55 9.30
C MET A 61 -34.20 14.33 10.54
N ALA A 62 -32.92 14.22 10.85
CA ALA A 62 -32.33 14.98 11.94
C ALA A 62 -32.52 16.47 11.76
N LEU A 63 -32.44 16.94 10.52
CA LEU A 63 -32.42 18.35 10.24
C LEU A 63 -33.84 18.93 10.25
N LYS A 64 -34.82 18.10 9.91
CA LYS A 64 -36.21 18.49 10.07
C LYS A 64 -36.54 18.59 11.56
N LEU A 65 -35.98 17.69 12.38
CA LEU A 65 -36.21 17.72 13.82
C LEU A 65 -35.46 18.86 14.47
N CYS A 66 -34.30 19.19 13.94
CA CYS A 66 -33.46 20.20 14.57
C CYS A 66 -32.75 21.06 13.51
N PRO A 67 -33.49 22.01 12.91
CA PRO A 67 -32.98 22.83 11.79
C PRO A 67 -31.63 23.53 12.02
N HIS A 68 -31.32 23.87 13.26
CA HIS A 68 -30.06 24.55 13.58
C HIS A 68 -28.94 23.56 13.93
N LEU A 69 -29.16 22.29 13.64
CA LEU A 69 -28.14 21.28 13.86
C LEU A 69 -26.85 21.60 13.13
N THR A 70 -25.73 21.57 13.84
CA THR A 70 -24.43 21.72 13.21
C THR A 70 -23.82 20.34 12.92
N LEU A 71 -23.51 20.07 11.66
CA LEU A 71 -22.95 18.79 11.25
C LEU A 71 -21.43 18.81 11.13
N LEU A 72 -20.77 17.86 11.79
CA LEU A 72 -19.33 17.72 11.70
C LEU A 72 -19.04 16.42 10.96
N PRO A 73 -17.97 16.39 10.16
CA PRO A 73 -17.66 15.19 9.38
C PRO A 73 -17.00 14.10 10.23
N GLY A 74 -16.30 14.52 11.28
CA GLY A 74 -15.66 13.56 12.15
C GLY A 74 -14.18 13.44 11.88
N ARG A 75 -13.41 13.14 12.92
CA ARG A 75 -11.96 13.04 12.80
C ARG A 75 -11.47 11.79 13.50
N PHE A 76 -11.32 10.71 12.73
CA PHE A 76 -11.01 9.42 13.31
C PHE A 76 -9.76 9.43 14.17
N ASP A 77 -8.67 10.03 13.69
CA ASP A 77 -7.44 10.07 14.46
C ASP A 77 -7.66 10.65 15.86
N ALA A 78 -8.52 11.67 15.97
CA ALA A 78 -8.80 12.22 17.29
C ALA A 78 -9.50 11.19 18.19
N TYR A 79 -10.50 10.50 17.64
CA TYR A 79 -11.23 9.50 18.40
C TYR A 79 -10.34 8.30 18.75
N LYS A 80 -9.47 7.93 17.81
CA LYS A 80 -8.55 6.85 18.01
C LYS A 80 -7.58 7.14 19.13
N GLU A 81 -7.07 8.37 19.18
CA GLU A 81 -6.08 8.69 20.19
C GLU A 81 -6.75 8.70 21.58
N ALA A 82 -7.99 9.14 21.64
CA ALA A 82 -8.74 9.13 22.90
C ALA A 82 -8.94 7.71 23.36
N SER A 83 -9.23 6.85 22.38
CA SER A 83 -9.50 5.45 22.64
C SER A 83 -8.27 4.72 23.17
N ASN A 84 -7.12 4.96 22.55
CA ASN A 84 -5.88 4.34 23.02
C ASN A 84 -5.59 4.72 24.46
N HIS A 85 -5.71 6.01 24.74
CA HIS A 85 -5.39 6.54 26.06
C HIS A 85 -6.31 5.89 27.11
N ILE A 86 -7.60 5.85 26.80
CA ILE A 86 -8.58 5.19 27.65
C ILE A 86 -8.24 3.69 27.89
N ARG A 87 -7.94 2.96 26.82
CA ARG A 87 -7.58 1.55 26.97
C ARG A 87 -6.32 1.37 27.79
N GLU A 88 -5.36 2.27 27.65
CA GLU A 88 -4.15 2.21 28.45
C GLU A 88 -4.51 2.46 29.91
N ILE A 89 -5.52 3.31 30.15
CA ILE A 89 -5.99 3.53 31.52
C ILE A 89 -6.64 2.26 32.09
N PHE A 90 -7.45 1.55 31.30
CA PHE A 90 -8.05 0.30 31.78
C PHE A 90 -6.95 -0.66 32.22
N SER A 91 -5.85 -0.69 31.48
CA SER A 91 -4.76 -1.62 31.69
C SER A 91 -4.07 -1.39 33.02
N ARG A 92 -4.19 -0.17 33.56
CA ARG A 92 -3.69 0.11 34.91
C ARG A 92 -4.39 -0.73 35.99
N TYR A 93 -5.55 -1.27 35.69
CA TYR A 93 -6.36 -1.96 36.70
C TYR A 93 -6.47 -3.45 36.48
N THR A 94 -6.42 -3.87 35.22
CA THR A 94 -6.49 -5.29 34.89
C THR A 94 -5.96 -5.48 33.47
N SER A 95 -5.65 -6.72 33.13
CA SER A 95 -5.26 -7.04 31.76
C SER A 95 -6.40 -7.78 31.10
N ARG A 96 -7.47 -7.98 31.87
CA ARG A 96 -8.66 -8.67 31.37
C ARG A 96 -9.60 -7.63 30.79
N ILE A 97 -9.32 -7.27 29.54
CA ILE A 97 -9.97 -6.15 28.83
C ILE A 97 -10.46 -6.59 27.46
N GLU A 98 -11.77 -6.50 27.25
CA GLU A 98 -12.33 -6.81 25.96
C GLU A 98 -13.03 -5.56 25.37
N PRO A 99 -12.34 -4.85 24.46
CA PRO A 99 -12.83 -3.65 23.78
C PRO A 99 -13.94 -4.01 22.79
N LEU A 100 -15.05 -3.27 22.76
CA LEU A 100 -16.15 -3.62 21.84
C LEU A 100 -16.18 -2.62 20.69
N SER A 101 -15.41 -1.56 20.85
CA SER A 101 -15.34 -0.46 19.89
C SER A 101 -14.37 0.54 20.46
N LEU A 102 -14.18 1.65 19.77
CA LEU A 102 -13.36 2.76 20.31
C LEU A 102 -13.73 3.21 21.73
N ASP A 103 -15.03 3.21 21.99
CA ASP A 103 -15.65 3.96 23.07
C ASP A 103 -15.85 3.10 24.32
N GLU A 104 -15.71 1.79 24.21
CA GLU A 104 -16.14 0.96 25.33
C GLU A 104 -15.42 -0.36 25.45
N ALA A 105 -15.57 -0.95 26.63
CA ALA A 105 -14.93 -2.23 26.91
C ALA A 105 -15.50 -2.88 28.16
N TYR A 106 -15.38 -4.21 28.20
CA TYR A 106 -15.63 -5.01 29.38
C TYR A 106 -14.34 -5.20 30.16
N LEU A 107 -14.42 -5.13 31.49
CA LEU A 107 -13.28 -5.46 32.35
C LEU A 107 -13.71 -6.54 33.34
N ASP A 108 -12.86 -7.53 33.52
CA ASP A 108 -13.12 -8.56 34.50
C ASP A 108 -12.20 -8.25 35.67
N VAL A 109 -12.78 -7.74 36.75
CA VAL A 109 -11.98 -7.28 37.89
C VAL A 109 -12.09 -8.25 39.07
N THR A 110 -12.60 -9.43 38.82
CA THR A 110 -12.77 -10.48 39.84
C THR A 110 -11.55 -10.71 40.71
N ASP A 111 -10.38 -10.74 40.09
CA ASP A 111 -9.15 -11.01 40.82
C ASP A 111 -8.27 -9.79 40.90
N SER A 112 -8.88 -8.62 40.98
CA SER A 112 -8.12 -7.42 41.23
C SER A 112 -8.33 -7.03 42.68
N VAL A 113 -7.28 -6.50 43.29
CA VAL A 113 -7.42 -5.96 44.64
C VAL A 113 -6.92 -4.50 44.64
N HIS A 114 -7.30 -3.76 43.60
CA HIS A 114 -7.35 -2.31 43.68
C HIS A 114 -8.58 -2.01 44.54
N CYS A 115 -8.54 -0.93 45.30
CA CYS A 115 -9.70 -0.49 46.09
C CYS A 115 -10.37 -1.63 46.84
N HIS A 116 -9.60 -2.38 47.63
CA HIS A 116 -10.10 -3.51 48.40
C HIS A 116 -11.04 -4.44 47.64
N GLY A 117 -10.80 -4.60 46.35
CA GLY A 117 -11.57 -5.52 45.53
C GLY A 117 -12.93 -4.97 45.18
N SER A 118 -13.14 -3.69 45.47
CA SER A 118 -14.43 -3.09 45.17
C SER A 118 -14.57 -2.74 43.70
N ALA A 119 -15.46 -3.45 43.01
CA ALA A 119 -15.70 -3.19 41.60
C ALA A 119 -16.43 -1.86 41.41
N THR A 120 -17.20 -1.47 42.43
CA THR A 120 -17.86 -0.18 42.42
C THR A 120 -16.84 0.94 42.43
N LEU A 121 -15.89 0.87 43.37
CA LEU A 121 -14.91 1.92 43.52
C LEU A 121 -13.89 1.94 42.39
N ILE A 122 -13.60 0.76 41.82
CA ILE A 122 -12.67 0.65 40.70
C ILE A 122 -13.23 1.38 39.50
N ALA A 123 -14.51 1.13 39.22
CA ALA A 123 -15.24 1.79 38.12
C ALA A 123 -15.22 3.30 38.28
N GLN A 124 -15.36 3.74 39.53
CA GLN A 124 -15.43 5.16 39.86
C GLN A 124 -14.11 5.83 39.60
N GLU A 125 -13.04 5.14 39.96
CA GLU A 125 -11.73 5.71 39.82
C GLU A 125 -11.29 5.72 38.34
N ILE A 126 -11.82 4.78 37.56
CA ILE A 126 -11.50 4.75 36.15
C ILE A 126 -12.19 5.93 35.48
N ARG A 127 -13.47 6.15 35.78
CA ARG A 127 -14.20 7.30 35.26
C ARG A 127 -13.56 8.62 35.67
N GLN A 128 -13.00 8.66 36.87
CA GLN A 128 -12.39 9.89 37.36
C GLN A 128 -11.07 10.13 36.65
N THR A 129 -10.27 9.08 36.57
CA THR A 129 -9.00 9.16 35.87
C THR A 129 -9.19 9.59 34.40
N ILE A 130 -10.20 9.03 33.75
CA ILE A 130 -10.49 9.38 32.36
C ILE A 130 -10.89 10.86 32.27
N PHE A 131 -11.74 11.32 33.19
CA PHE A 131 -12.09 12.74 33.19
C PHE A 131 -10.82 13.57 33.41
N ASN A 132 -10.05 13.20 34.41
CA ASN A 132 -8.81 13.90 34.69
C ASN A 132 -7.86 13.96 33.50
N GLU A 133 -7.63 12.84 32.84
CA GLU A 133 -6.57 12.82 31.85
C GLU A 133 -7.01 13.16 30.44
N LEU A 134 -8.31 13.04 30.14
CA LEU A 134 -8.79 13.32 28.79
C LEU A 134 -9.85 14.43 28.72
N GLN A 135 -10.33 14.87 29.87
CA GLN A 135 -11.46 15.84 29.95
C GLN A 135 -12.69 15.36 29.17
N LEU A 136 -12.88 14.04 29.14
CA LEU A 136 -14.09 13.44 28.59
C LEU A 136 -14.73 12.64 29.71
N THR A 137 -16.03 12.40 29.65
CA THR A 137 -16.65 11.59 30.69
C THR A 137 -17.05 10.21 30.20
N ALA A 138 -17.16 9.31 31.15
CA ALA A 138 -17.56 7.95 30.90
C ALA A 138 -18.66 7.57 31.90
N SER A 139 -19.50 6.64 31.50
CA SER A 139 -20.44 5.97 32.38
C SER A 139 -19.99 4.52 32.56
N ALA A 140 -20.40 3.87 33.63
CA ALA A 140 -20.04 2.47 33.80
C ALA A 140 -21.16 1.63 34.41
N GLY A 141 -21.08 0.33 34.17
CA GLY A 141 -22.01 -0.63 34.75
C GLY A 141 -21.18 -1.72 35.38
N VAL A 142 -21.63 -2.17 36.56
CA VAL A 142 -20.97 -3.21 37.33
C VAL A 142 -21.99 -4.32 37.60
N ALA A 143 -21.68 -5.53 37.19
CA ALA A 143 -22.63 -6.65 37.31
C ALA A 143 -21.92 -8.00 37.41
N PRO A 144 -22.68 -9.07 37.66
CA PRO A 144 -22.00 -10.38 37.76
C PRO A 144 -21.72 -11.02 36.41
N VAL A 145 -22.28 -10.48 35.34
CA VAL A 145 -22.08 -11.02 34.00
C VAL A 145 -22.06 -9.87 33.01
N LYS A 146 -21.54 -10.15 31.80
CA LYS A 146 -21.37 -9.15 30.75
C LYS A 146 -22.63 -8.35 30.44
N PHE A 147 -23.70 -9.04 30.03
CA PHE A 147 -24.82 -8.33 29.45
C PHE A 147 -25.52 -7.42 30.50
N LEU A 148 -25.54 -7.85 31.76
CA LEU A 148 -26.08 -7.01 32.83
C LEU A 148 -25.19 -5.81 33.09
N ALA A 149 -23.87 -5.99 33.02
CA ALA A 149 -22.99 -4.85 33.22
C ALA A 149 -23.18 -3.81 32.09
N LYS A 150 -23.52 -4.28 30.90
CA LYS A 150 -23.69 -3.41 29.74
C LYS A 150 -25.01 -2.65 29.82
N ILE A 151 -26.09 -3.36 30.15
CA ILE A 151 -27.35 -2.71 30.40
C ILE A 151 -27.21 -1.66 31.51
N ALA A 152 -26.46 -2.01 32.56
CA ALA A 152 -26.26 -1.12 33.69
C ALA A 152 -25.54 0.18 33.34
N SER A 153 -24.54 0.13 32.45
CA SER A 153 -23.80 1.36 32.10
C SER A 153 -24.69 2.40 31.42
N ASP A 154 -25.90 2.02 31.03
CA ASP A 154 -26.87 2.98 30.49
C ASP A 154 -27.79 3.60 31.53
N MET A 155 -27.95 2.94 32.68
CA MET A 155 -28.92 3.37 33.69
C MET A 155 -28.70 4.79 34.18
N ASN A 156 -27.44 5.18 34.30
CA ASN A 156 -27.07 6.50 34.79
C ASN A 156 -26.14 7.25 33.85
N LYS A 157 -26.39 7.19 32.55
CA LYS A 157 -25.70 8.09 31.61
C LYS A 157 -26.33 9.47 31.71
N PRO A 158 -25.54 10.54 31.52
CA PRO A 158 -24.10 10.56 31.25
C PRO A 158 -23.32 10.65 32.55
N ASN A 159 -22.00 10.41 32.52
CA ASN A 159 -21.16 10.64 33.68
C ASN A 159 -21.72 10.07 35.01
N GLY A 160 -22.22 8.84 34.96
CA GLY A 160 -22.66 8.15 36.16
C GLY A 160 -22.42 6.64 36.03
N GLN A 161 -22.76 5.91 37.07
CA GLN A 161 -22.64 4.46 36.99
C GLN A 161 -23.75 3.80 37.77
N PHE A 162 -23.84 2.48 37.61
CA PHE A 162 -24.91 1.71 38.21
C PHE A 162 -24.43 0.28 38.48
N VAL A 163 -24.73 -0.19 39.69
CA VAL A 163 -24.24 -1.46 40.18
C VAL A 163 -25.37 -2.47 40.33
N ILE A 164 -25.23 -3.64 39.72
CA ILE A 164 -26.21 -4.68 39.94
C ILE A 164 -25.58 -5.81 40.73
N THR A 165 -26.16 -6.06 41.88
CA THR A 165 -25.62 -7.01 42.84
C THR A 165 -26.33 -8.35 42.61
N PRO A 166 -25.68 -9.48 42.95
CA PRO A 166 -26.30 -10.80 42.70
C PRO A 166 -27.70 -10.96 43.31
N ALA A 167 -27.89 -10.47 44.53
CA ALA A 167 -29.19 -10.47 45.18
C ALA A 167 -30.22 -9.57 44.46
N GLU A 168 -29.76 -8.54 43.77
CA GLU A 168 -30.68 -7.68 43.01
C GLU A 168 -31.08 -8.22 41.63
N VAL A 169 -30.32 -9.18 41.10
CA VAL A 169 -30.56 -9.66 39.72
C VAL A 169 -32.02 -10.12 39.43
N PRO A 170 -32.65 -10.89 40.35
CA PRO A 170 -34.02 -11.34 40.09
C PRO A 170 -35.08 -10.25 39.92
N ALA A 171 -35.06 -9.25 40.80
CA ALA A 171 -36.02 -8.15 40.72
C ALA A 171 -35.73 -7.33 39.46
N PHE A 172 -34.45 -7.07 39.21
CA PHE A 172 -34.05 -6.39 37.99
C PHE A 172 -34.56 -7.08 36.73
N LEU A 173 -34.40 -8.39 36.65
CA LEU A 173 -34.82 -9.14 35.46
C LEU A 173 -36.33 -9.15 35.22
N GLN A 174 -37.09 -9.10 36.30
CA GLN A 174 -38.50 -9.44 36.27
C GLN A 174 -39.27 -8.51 35.32
N THR A 175 -38.90 -7.23 35.31
CA THR A 175 -39.58 -6.30 34.43
C THR A 175 -38.71 -5.80 33.28
N LEU A 176 -37.56 -6.40 33.09
CA LEU A 176 -36.63 -5.97 32.04
C LEU A 176 -37.12 -6.32 30.64
N PRO A 177 -37.35 -5.30 29.80
CA PRO A 177 -37.82 -5.53 28.43
C PRO A 177 -36.81 -6.36 27.65
N LEU A 178 -37.29 -7.33 26.89
CA LEU A 178 -36.37 -8.16 26.12
C LEU A 178 -35.52 -7.31 25.18
N ALA A 179 -36.09 -6.21 24.67
CA ALA A 179 -35.41 -5.37 23.69
C ALA A 179 -34.13 -4.74 24.24
N LYS A 180 -33.98 -4.72 25.55
CA LYS A 180 -32.78 -4.16 26.16
C LYS A 180 -31.64 -5.16 26.18
N ILE A 181 -31.94 -6.41 25.89
CA ILE A 181 -30.91 -7.43 25.83
C ILE A 181 -30.11 -7.34 24.53
N PRO A 182 -28.77 -7.22 24.65
CA PRO A 182 -27.88 -7.17 23.48
C PRO A 182 -28.16 -8.32 22.54
N GLY A 183 -28.46 -8.00 21.27
CA GLY A 183 -28.73 -9.03 20.27
C GLY A 183 -30.21 -9.30 20.10
N VAL A 184 -31.03 -8.65 20.90
CA VAL A 184 -32.46 -8.60 20.61
C VAL A 184 -32.78 -7.25 20.00
N GLY A 185 -32.85 -7.23 18.66
CA GLY A 185 -33.16 -6.01 17.93
C GLY A 185 -34.63 -5.94 17.55
N LYS A 186 -34.95 -5.00 16.67
CA LYS A 186 -36.34 -4.68 16.33
C LYS A 186 -37.08 -5.90 15.81
N VAL A 187 -36.44 -6.69 14.95
CA VAL A 187 -37.15 -7.81 14.34
C VAL A 187 -37.46 -8.86 15.40
N SER A 188 -36.47 -9.15 16.22
CA SER A 188 -36.62 -10.13 17.29
C SER A 188 -37.67 -9.66 18.28
N ALA A 189 -37.55 -8.42 18.72
CA ALA A 189 -38.47 -7.86 19.70
C ALA A 189 -39.91 -7.96 19.24
N ALA A 190 -40.14 -7.62 17.98
CA ALA A 190 -41.49 -7.57 17.42
C ALA A 190 -42.05 -8.97 17.30
N LYS A 191 -41.18 -9.91 17.00
CA LYS A 191 -41.59 -11.31 16.86
C LYS A 191 -41.92 -11.89 18.23
N LEU A 192 -41.15 -11.46 19.23
CA LEU A 192 -41.38 -11.91 20.60
C LEU A 192 -42.68 -11.28 21.10
N GLU A 193 -42.84 -9.98 20.85
CA GLU A 193 -44.06 -9.26 21.20
C GLU A 193 -45.30 -9.95 20.66
N ALA A 194 -45.23 -10.41 19.42
CA ALA A 194 -46.37 -11.11 18.80
C ALA A 194 -46.60 -12.51 19.40
N MET A 195 -45.81 -12.87 20.42
CA MET A 195 -46.02 -14.13 21.13
C MET A 195 -46.44 -13.87 22.57
N GLY A 196 -46.55 -12.59 22.93
CA GLY A 196 -46.91 -12.20 24.28
C GLY A 196 -45.71 -12.05 25.19
N LEU A 197 -44.51 -12.14 24.61
CA LEU A 197 -43.29 -12.03 25.40
C LEU A 197 -42.68 -10.65 25.26
N ARG A 198 -42.68 -9.88 26.35
CA ARG A 198 -42.16 -8.53 26.33
C ARG A 198 -40.95 -8.39 27.25
N THR A 199 -40.93 -9.18 28.32
CA THR A 199 -39.95 -8.97 29.37
C THR A 199 -39.29 -10.30 29.71
N CYS A 200 -38.14 -10.23 30.37
CA CYS A 200 -37.48 -11.43 30.85
C CYS A 200 -38.39 -12.22 31.78
N GLY A 201 -39.17 -11.49 32.57
CA GLY A 201 -40.24 -12.09 33.33
C GLY A 201 -41.09 -13.03 32.51
N ASP A 202 -41.57 -12.57 31.36
CA ASP A 202 -42.36 -13.40 30.46
C ASP A 202 -41.63 -14.66 29.99
N VAL A 203 -40.32 -14.55 29.79
CA VAL A 203 -39.55 -15.61 29.15
C VAL A 203 -39.26 -16.72 30.17
N GLN A 204 -39.22 -16.36 31.44
CA GLN A 204 -39.01 -17.33 32.53
C GLN A 204 -40.14 -18.34 32.64
N LYS A 205 -41.36 -17.92 32.31
CA LYS A 205 -42.51 -18.81 32.29
C LYS A 205 -42.63 -19.61 30.97
N CYS A 206 -41.54 -19.67 30.19
CA CYS A 206 -41.54 -20.32 28.87
C CYS A 206 -40.70 -21.60 28.77
N ASP A 207 -41.21 -22.57 28.01
CA ASP A 207 -40.51 -23.83 27.73
C ASP A 207 -39.27 -23.62 26.87
N LEU A 208 -38.13 -24.14 27.32
CA LEU A 208 -36.87 -24.03 26.59
C LEU A 208 -36.91 -24.72 25.23
N VAL A 209 -37.41 -25.96 25.19
CA VAL A 209 -37.48 -26.76 23.96
C VAL A 209 -38.18 -25.96 22.90
N MET A 210 -39.26 -25.35 23.34
CA MET A 210 -40.16 -24.56 22.54
C MET A 210 -39.46 -23.29 22.02
N LEU A 211 -38.71 -22.59 22.86
CA LEU A 211 -37.87 -21.49 22.34
C LEU A 211 -36.78 -21.98 21.40
N LEU A 212 -36.27 -23.18 21.64
CA LEU A 212 -35.25 -23.74 20.77
C LEU A 212 -35.87 -23.98 19.40
N LYS A 213 -37.10 -24.47 19.37
CA LYS A 213 -37.79 -24.70 18.11
C LYS A 213 -38.06 -23.41 17.32
N ARG A 214 -38.71 -22.42 17.93
CA ARG A 214 -39.05 -21.20 17.20
C ARG A 214 -37.87 -20.27 16.95
N PHE A 215 -36.77 -20.41 17.67
CA PHE A 215 -35.66 -19.46 17.51
C PHE A 215 -34.26 -20.03 17.39
N GLY A 216 -34.11 -21.36 17.48
CA GLY A 216 -32.79 -21.96 17.36
C GLY A 216 -31.83 -21.50 18.43
N LYS A 217 -30.54 -21.41 18.12
CA LYS A 217 -29.53 -21.06 19.12
C LYS A 217 -29.86 -19.74 19.80
N PHE A 218 -30.61 -18.90 19.11
CA PHE A 218 -31.05 -17.64 19.68
C PHE A 218 -32.05 -17.81 20.84
N GLY A 219 -32.92 -18.81 20.73
CA GLY A 219 -33.89 -19.09 21.75
C GLY A 219 -33.24 -19.56 23.04
N ARG A 220 -32.11 -20.24 22.93
CA ARG A 220 -31.39 -20.66 24.13
C ARG A 220 -30.73 -19.47 24.82
N ILE A 221 -30.13 -18.58 24.03
CA ILE A 221 -29.50 -17.40 24.62
C ILE A 221 -30.58 -16.58 25.34
N LEU A 222 -31.73 -16.44 24.69
CA LEU A 222 -32.88 -15.75 25.27
C LEU A 222 -33.26 -16.32 26.65
N TRP A 223 -33.54 -17.61 26.69
CA TRP A 223 -33.90 -18.29 27.94
C TRP A 223 -32.83 -18.11 29.01
N GLU A 224 -31.55 -18.17 28.63
CA GLU A 224 -30.47 -17.99 29.61
C GLU A 224 -30.44 -16.57 30.18
N ARG A 225 -30.33 -15.58 29.29
CA ARG A 225 -30.29 -14.18 29.70
C ARG A 225 -31.44 -13.84 30.65
N SER A 226 -32.63 -14.34 30.33
CA SER A 226 -33.81 -14.13 31.15
C SER A 226 -33.66 -14.69 32.55
N GLN A 227 -32.79 -15.68 32.72
CA GLN A 227 -32.50 -16.25 34.03
C GLN A 227 -31.38 -15.47 34.69
N GLY A 228 -30.80 -14.51 33.98
CA GLY A 228 -29.56 -13.89 34.44
C GLY A 228 -28.31 -14.71 34.13
N ILE A 229 -28.45 -15.74 33.29
CA ILE A 229 -27.32 -16.60 32.96
C ILE A 229 -26.55 -16.04 31.77
N ASP A 230 -25.26 -15.81 31.99
CA ASP A 230 -24.36 -15.34 30.97
C ASP A 230 -22.92 -15.77 31.28
N GLU A 231 -22.54 -16.94 30.77
CA GLU A 231 -21.22 -17.54 31.09
C GLU A 231 -20.06 -17.04 30.21
N ARG A 232 -20.31 -16.12 29.30
CA ARG A 232 -19.27 -15.67 28.38
C ARG A 232 -18.17 -14.95 29.14
N ASP A 233 -16.93 -15.43 28.96
CA ASP A 233 -15.78 -14.84 29.61
C ASP A 233 -15.33 -13.57 28.88
N VAL A 234 -14.70 -12.67 29.62
CA VAL A 234 -14.08 -11.49 29.02
C VAL A 234 -12.84 -11.90 28.21
N ASN A 235 -12.93 -11.72 26.90
CA ASN A 235 -11.87 -12.20 26.00
C ASN A 235 -11.00 -11.06 25.49
N SER A 236 -9.74 -11.09 25.92
CA SER A 236 -8.83 -10.01 25.64
C SER A 236 -8.04 -10.28 24.37
N GLU A 237 -8.39 -11.34 23.66
CA GLU A 237 -7.56 -11.76 22.52
C GLU A 237 -8.34 -11.92 21.20
N ARG A 238 -9.24 -11.01 20.92
CA ARG A 238 -10.02 -11.15 19.69
C ARG A 238 -9.26 -10.47 18.57
N LEU A 239 -9.31 -11.06 17.40
CA LEU A 239 -8.63 -10.54 16.23
C LEU A 239 -9.62 -10.33 15.11
N ARG A 240 -9.38 -9.29 14.31
CA ARG A 240 -10.23 -8.95 13.18
C ARG A 240 -10.23 -10.04 12.11
N LYS A 241 -11.41 -10.37 11.59
CA LYS A 241 -11.54 -11.39 10.56
C LYS A 241 -11.69 -10.89 9.13
N SER A 242 -12.02 -9.61 8.95
CA SER A 242 -12.32 -9.10 7.60
C SER A 242 -11.94 -7.65 7.48
N VAL A 243 -11.83 -7.18 6.24
CA VAL A 243 -11.56 -5.78 5.96
C VAL A 243 -12.45 -5.36 4.80
N GLY A 244 -13.29 -4.36 5.00
CA GLY A 244 -14.20 -3.95 3.95
C GLY A 244 -14.20 -2.44 3.79
N VAL A 245 -14.44 -1.99 2.55
CA VAL A 245 -14.60 -0.56 2.27
C VAL A 245 -15.73 -0.30 1.25
N GLU A 246 -16.62 0.63 1.57
CA GLU A 246 -17.76 0.87 0.70
C GLU A 246 -18.10 2.35 0.65
N ARG A 247 -18.70 2.80 -0.43
CA ARG A 247 -19.24 4.15 -0.40
C ARG A 247 -20.62 4.24 -1.03
N THR A 248 -21.41 5.15 -0.50
CA THR A 248 -22.73 5.50 -1.03
C THR A 248 -22.57 6.77 -1.86
N MET A 249 -23.04 6.76 -3.10
CA MET A 249 -23.04 7.97 -3.93
C MET A 249 -24.10 8.98 -3.52
N ALA A 250 -23.79 10.26 -3.72
CA ALA A 250 -24.78 11.31 -3.55
C ALA A 250 -25.93 11.06 -4.50
N GLU A 251 -25.63 10.42 -5.63
CA GLU A 251 -26.68 10.09 -6.58
C GLU A 251 -26.50 8.68 -7.10
N ASP A 252 -27.62 8.01 -7.34
CA ASP A 252 -27.58 6.67 -7.87
C ASP A 252 -26.87 6.60 -9.22
N ILE A 253 -25.98 5.62 -9.37
CA ILE A 253 -25.37 5.42 -10.67
C ILE A 253 -26.16 4.40 -11.46
N HIS A 254 -26.14 4.55 -12.79
CA HIS A 254 -26.90 3.76 -13.73
C HIS A 254 -26.04 3.17 -14.87
N HIS A 255 -24.78 3.58 -14.97
CA HIS A 255 -23.91 3.04 -16.01
C HIS A 255 -22.69 2.37 -15.41
N TRP A 256 -22.27 1.27 -16.06
CA TRP A 256 -21.14 0.50 -15.59
C TRP A 256 -19.84 1.32 -15.55
N SER A 257 -19.67 2.26 -16.48
CA SER A 257 -18.48 3.11 -16.45
C SER A 257 -18.38 3.83 -15.11
N GLU A 258 -19.52 4.25 -14.57
CA GLU A 258 -19.55 4.94 -13.29
C GLU A 258 -19.14 4.00 -12.17
N CYS A 259 -19.56 2.74 -12.30
CA CYS A 259 -19.29 1.76 -11.27
C CYS A 259 -17.80 1.44 -11.18
N GLU A 260 -17.18 1.27 -12.35
CA GLU A 260 -15.76 0.93 -12.40
C GLU A 260 -14.91 2.09 -11.91
N ALA A 261 -15.30 3.30 -12.27
CA ALA A 261 -14.60 4.49 -11.78
C ALA A 261 -14.69 4.57 -10.22
N ILE A 262 -15.81 4.15 -9.65
CA ILE A 262 -15.91 4.12 -8.19
C ILE A 262 -15.00 3.06 -7.60
N ILE A 263 -14.95 1.88 -8.22
CA ILE A 263 -14.08 0.82 -7.72
C ILE A 263 -12.61 1.25 -7.75
N GLU A 264 -12.21 1.95 -8.79
CA GLU A 264 -10.83 2.41 -8.86
C GLU A 264 -10.50 3.39 -7.75
N ARG A 265 -11.51 4.09 -7.23
CA ARG A 265 -11.27 5.01 -6.14
C ARG A 265 -11.21 4.23 -4.83
N LEU A 266 -12.03 3.18 -4.71
CA LEU A 266 -12.05 2.35 -3.49
C LEU A 266 -10.80 1.51 -3.35
N TYR A 267 -10.34 0.89 -4.44
CA TYR A 267 -9.28 -0.11 -4.35
C TYR A 267 -8.00 0.31 -3.60
N PRO A 268 -7.41 1.48 -3.94
CA PRO A 268 -6.22 1.86 -3.17
C PRO A 268 -6.49 1.91 -1.66
N GLU A 269 -7.71 2.29 -1.26
CA GLU A 269 -8.05 2.42 0.16
C GLU A 269 -8.07 1.06 0.83
N LEU A 270 -8.71 0.10 0.18
CA LEU A 270 -8.71 -1.29 0.62
C LEU A 270 -7.29 -1.84 0.75
N GLU A 271 -6.44 -1.54 -0.24
CA GLU A 271 -5.05 -1.99 -0.20
C GLU A 271 -4.23 -1.37 0.94
N ARG A 272 -4.38 -0.08 1.19
CA ARG A 272 -3.63 0.55 2.29
C ARG A 272 -4.05 -0.03 3.63
N ARG A 273 -5.35 -0.29 3.80
CA ARG A 273 -5.82 -0.81 5.07
C ARG A 273 -5.35 -2.24 5.29
N LEU A 274 -5.52 -3.06 4.26
CA LEU A 274 -5.16 -4.47 4.36
C LEU A 274 -3.68 -4.61 4.66
N ALA A 275 -2.86 -3.80 3.99
CA ALA A 275 -1.42 -3.85 4.15
C ALA A 275 -0.98 -3.47 5.55
N LYS A 276 -1.84 -2.72 6.25
CA LYS A 276 -1.55 -2.30 7.61
C LYS A 276 -1.44 -3.50 8.55
N VAL A 277 -2.17 -4.59 8.24
CA VAL A 277 -2.13 -5.80 9.07
C VAL A 277 -1.72 -7.04 8.29
N LYS A 278 -1.46 -6.89 7.00
CA LYS A 278 -0.97 -7.97 6.15
C LYS A 278 -0.16 -7.37 5.01
N PRO A 279 1.08 -6.97 5.30
CA PRO A 279 1.95 -6.32 4.31
C PRO A 279 2.06 -7.10 2.99
N ASP A 280 1.95 -8.42 3.03
CA ASP A 280 2.05 -9.22 1.81
C ASP A 280 0.71 -9.36 1.08
N LEU A 281 -0.34 -8.78 1.68
CA LEU A 281 -1.67 -8.77 1.08
C LEU A 281 -2.26 -10.15 0.83
N LEU A 282 -1.91 -11.12 1.67
CA LEU A 282 -2.45 -12.47 1.50
C LEU A 282 -3.74 -12.62 2.29
N ILE A 283 -4.75 -13.16 1.64
CA ILE A 283 -6.11 -13.21 2.19
C ILE A 283 -6.74 -14.55 1.88
N ALA A 284 -7.92 -14.80 2.45
CA ALA A 284 -8.64 -16.05 2.19
C ALA A 284 -9.69 -15.85 1.11
N ARG A 285 -10.42 -14.75 1.18
CA ARG A 285 -11.39 -14.48 0.13
C ARG A 285 -11.41 -12.99 -0.20
N GLN A 286 -11.89 -12.65 -1.40
CA GLN A 286 -12.18 -11.27 -1.74
C GLN A 286 -13.50 -11.22 -2.51
N GLY A 287 -14.13 -10.05 -2.52
CA GLY A 287 -15.48 -9.99 -3.03
C GLY A 287 -15.99 -8.58 -3.15
N VAL A 288 -17.21 -8.45 -3.63
CA VAL A 288 -17.78 -7.15 -3.89
C VAL A 288 -19.19 -7.07 -3.35
N LYS A 289 -19.67 -5.84 -3.19
CA LYS A 289 -21.03 -5.61 -2.76
C LYS A 289 -21.66 -4.50 -3.58
N LEU A 290 -22.94 -4.68 -3.90
CA LEU A 290 -23.74 -3.65 -4.55
C LEU A 290 -25.00 -3.40 -3.77
N LYS A 291 -25.35 -2.14 -3.61
CA LYS A 291 -26.63 -1.82 -2.97
C LYS A 291 -27.43 -0.98 -3.94
N PHE A 292 -28.65 -1.45 -4.21
CA PHE A 292 -29.53 -0.84 -5.19
C PHE A 292 -30.41 0.22 -4.54
N ASP A 293 -31.21 0.92 -5.35
CA ASP A 293 -32.00 2.05 -4.89
C ASP A 293 -33.29 1.65 -4.18
N ASP A 294 -33.62 0.36 -4.23
CA ASP A 294 -34.72 -0.19 -3.43
C ASP A 294 -34.14 -0.83 -2.16
N PHE A 295 -32.86 -0.59 -1.94
CA PHE A 295 -32.11 -1.02 -0.75
C PHE A 295 -31.85 -2.53 -0.59
N GLN A 296 -32.25 -3.36 -1.53
CA GLN A 296 -31.73 -4.72 -1.51
C GLN A 296 -30.21 -4.64 -1.74
N GLN A 297 -29.47 -5.60 -1.21
CA GLN A 297 -28.04 -5.62 -1.43
C GLN A 297 -27.64 -7.06 -1.71
N THR A 298 -26.61 -7.21 -2.53
CA THR A 298 -26.07 -8.51 -2.81
C THR A 298 -24.58 -8.44 -2.74
N THR A 299 -23.98 -9.56 -2.34
CA THR A 299 -22.53 -9.72 -2.26
C THR A 299 -22.11 -10.93 -3.11
N GLN A 300 -20.92 -10.84 -3.68
CA GLN A 300 -20.35 -11.95 -4.42
C GLN A 300 -18.89 -12.05 -3.98
N GLU A 301 -18.54 -13.22 -3.47
CA GLU A 301 -17.26 -13.38 -2.81
C GLU A 301 -16.73 -14.75 -3.13
N HIS A 302 -15.41 -14.89 -3.19
CA HIS A 302 -14.83 -16.19 -3.50
C HIS A 302 -13.44 -16.34 -2.94
N VAL A 303 -13.09 -17.58 -2.64
CA VAL A 303 -11.72 -17.97 -2.36
C VAL A 303 -10.75 -17.30 -3.33
N TRP A 304 -9.71 -16.67 -2.80
CA TRP A 304 -8.75 -15.94 -3.61
C TRP A 304 -7.52 -15.69 -2.75
N PRO A 305 -6.32 -15.79 -3.33
CA PRO A 305 -5.19 -15.90 -2.43
C PRO A 305 -4.48 -14.58 -2.09
N ARG A 306 -4.73 -13.54 -2.86
CA ARG A 306 -4.01 -12.28 -2.73
C ARG A 306 -4.84 -11.13 -3.29
N LEU A 307 -4.91 -10.03 -2.57
CA LEU A 307 -5.70 -8.88 -3.01
C LEU A 307 -5.41 -8.55 -4.49
N ASN A 308 -6.47 -8.48 -5.31
CA ASN A 308 -6.34 -8.25 -6.74
C ASN A 308 -7.40 -7.33 -7.32
N LYS A 309 -6.97 -6.21 -7.90
CA LYS A 309 -7.90 -5.19 -8.40
C LYS A 309 -8.74 -5.63 -9.58
N ALA A 310 -8.12 -6.24 -10.59
CA ALA A 310 -8.85 -6.63 -11.79
C ALA A 310 -9.90 -7.69 -11.52
N ASP A 311 -9.57 -8.67 -10.70
CA ASP A 311 -10.57 -9.68 -10.40
C ASP A 311 -11.76 -9.06 -9.59
N LEU A 312 -11.50 -8.02 -8.81
CA LEU A 312 -12.61 -7.39 -8.09
C LEU A 312 -13.48 -6.68 -9.13
N ILE A 313 -12.82 -6.00 -10.07
CA ILE A 313 -13.50 -5.32 -11.17
C ILE A 313 -14.32 -6.33 -11.96
N ALA A 314 -13.68 -7.43 -12.38
CA ALA A 314 -14.37 -8.51 -13.10
C ALA A 314 -15.57 -9.02 -12.33
N THR A 315 -15.38 -9.31 -11.05
CA THR A 315 -16.47 -9.79 -10.22
C THR A 315 -17.63 -8.81 -10.19
N ALA A 316 -17.32 -7.54 -9.95
CA ALA A 316 -18.32 -6.49 -9.98
C ALA A 316 -19.07 -6.39 -11.33
N ARG A 317 -18.37 -6.61 -12.44
CA ARG A 317 -19.05 -6.57 -13.73
C ARG A 317 -20.11 -7.68 -13.85
N LYS A 318 -19.75 -8.91 -13.45
CA LYS A 318 -20.74 -10.00 -13.45
C LYS A 318 -21.93 -9.65 -12.54
N THR A 319 -21.65 -9.15 -11.34
CA THR A 319 -22.71 -8.83 -10.39
C THR A 319 -23.59 -7.74 -10.95
N TRP A 320 -22.95 -6.72 -11.51
CA TRP A 320 -23.66 -5.65 -12.23
C TRP A 320 -24.56 -6.19 -13.32
N ASP A 321 -24.02 -7.01 -14.21
CA ASP A 321 -24.83 -7.55 -15.32
C ASP A 321 -25.99 -8.39 -14.81
N GLU A 322 -25.70 -9.29 -13.89
CA GLU A 322 -26.67 -10.33 -13.52
C GLU A 322 -27.79 -9.86 -12.58
N ARG A 323 -27.45 -9.10 -11.56
CA ARG A 323 -28.43 -8.83 -10.53
C ARG A 323 -28.84 -7.38 -10.37
N ARG A 324 -28.44 -6.49 -11.28
CA ARG A 324 -28.89 -5.10 -11.18
C ARG A 324 -30.36 -4.95 -11.58
N GLY A 325 -30.69 -5.37 -12.81
CA GLY A 325 -32.05 -5.41 -13.28
C GLY A 325 -32.60 -4.02 -13.54
N GLY A 326 -31.82 -3.20 -14.24
CA GLY A 326 -32.21 -1.83 -14.54
C GLY A 326 -32.34 -0.92 -13.33
N ARG A 327 -32.04 -1.44 -12.14
CA ARG A 327 -32.14 -0.64 -10.91
C ARG A 327 -30.96 0.31 -10.78
N GLY A 328 -31.20 1.48 -10.21
CA GLY A 328 -30.09 2.35 -9.83
C GLY A 328 -29.34 1.75 -8.65
N VAL A 329 -28.03 1.97 -8.62
CA VAL A 329 -27.16 1.46 -7.58
C VAL A 329 -26.75 2.63 -6.69
N ARG A 330 -26.87 2.49 -5.36
CA ARG A 330 -26.54 3.58 -4.45
C ARG A 330 -25.19 3.33 -3.77
N LEU A 331 -24.72 2.08 -3.78
CA LEU A 331 -23.47 1.77 -3.07
C LEU A 331 -22.62 0.72 -3.72
N VAL A 332 -21.31 0.95 -3.69
CA VAL A 332 -20.37 -0.05 -4.12
C VAL A 332 -19.38 -0.33 -3.02
N GLY A 333 -19.09 -1.61 -2.78
CA GLY A 333 -18.12 -1.96 -1.76
C GLY A 333 -17.19 -3.11 -2.13
N LEU A 334 -15.98 -3.07 -1.60
CA LEU A 334 -15.03 -4.16 -1.75
C LEU A 334 -14.79 -4.84 -0.41
N HIS A 335 -14.42 -6.11 -0.43
CA HIS A 335 -14.32 -6.89 0.81
C HIS A 335 -13.24 -7.98 0.71
N VAL A 336 -12.48 -8.21 1.77
CA VAL A 336 -11.63 -9.40 1.89
C VAL A 336 -11.92 -10.14 3.20
N THR A 337 -11.76 -11.47 3.17
CA THR A 337 -11.77 -12.27 4.38
C THR A 337 -10.35 -12.66 4.72
N LEU A 338 -9.90 -12.34 5.92
CA LEU A 338 -8.53 -12.56 6.32
C LEU A 338 -8.26 -14.04 6.52
N LEU A 339 -7.02 -14.46 6.31
CA LEU A 339 -6.63 -15.85 6.56
C LEU A 339 -6.78 -16.11 8.03
N ASP A 340 -7.02 -17.35 8.44
CA ASP A 340 -7.21 -17.70 9.85
C ASP A 340 -5.89 -17.75 10.61
N ARG B 1 46.00 4.24 -9.08
CA ARG B 1 45.70 4.20 -10.51
C ARG B 1 44.71 5.29 -10.91
N LYS B 2 44.52 5.47 -12.22
CA LYS B 2 43.71 6.58 -12.75
C LYS B 2 42.54 6.07 -13.59
N ILE B 3 41.33 6.28 -13.12
CA ILE B 3 40.13 5.81 -13.81
C ILE B 3 39.28 6.99 -14.29
N ILE B 4 38.72 6.85 -15.48
CA ILE B 4 37.80 7.85 -16.01
C ILE B 4 36.46 7.22 -16.31
N HIS B 5 35.40 7.85 -15.83
CA HIS B 5 34.06 7.47 -16.24
C HIS B 5 33.56 8.57 -17.16
N VAL B 6 33.08 8.19 -18.34
CA VAL B 6 32.57 9.16 -19.32
C VAL B 6 31.10 8.87 -19.54
N ASP B 7 30.28 9.92 -19.57
CA ASP B 7 28.83 9.79 -19.54
C ASP B 7 28.16 10.84 -20.44
N MET B 8 27.51 10.41 -21.52
CA MET B 8 26.81 11.32 -22.41
C MET B 8 25.63 12.00 -21.71
N ASP B 9 25.44 13.29 -22.00
CA ASP B 9 24.36 14.05 -21.37
C ASP B 9 23.03 13.84 -22.08
N CYS B 10 21.97 13.55 -21.30
CA CYS B 10 20.63 13.24 -21.82
C CYS B 10 20.66 12.47 -23.14
N PHE B 11 21.34 11.34 -23.12
CA PHE B 11 21.83 10.69 -24.34
C PHE B 11 20.80 10.62 -25.48
N PHE B 12 19.63 10.02 -25.24
CA PHE B 12 18.62 9.89 -26.31
C PHE B 12 18.07 11.23 -26.73
N ALA B 13 17.77 12.09 -25.76
CA ALA B 13 17.14 13.37 -26.08
C ALA B 13 18.12 14.31 -26.79
N ALA B 14 19.41 14.15 -26.53
CA ALA B 14 20.44 14.98 -27.18
C ALA B 14 20.67 14.57 -28.63
N VAL B 15 20.54 13.27 -28.92
CA VAL B 15 20.63 12.76 -30.29
C VAL B 15 19.48 13.33 -31.11
N GLU B 16 18.30 13.39 -30.50
CA GLU B 16 17.12 13.96 -31.14
C GLU B 16 17.23 15.47 -31.30
N MET B 17 17.80 16.14 -30.31
CA MET B 17 17.92 17.59 -30.36
C MET B 17 18.93 18.00 -31.44
N ARG B 18 19.98 17.21 -31.60
CA ARG B 18 20.99 17.47 -32.63
C ARG B 18 20.39 17.35 -34.03
N ASP B 19 19.62 16.28 -34.24
CA ASP B 19 19.07 15.97 -35.56
C ASP B 19 17.85 16.84 -35.90
N ASN B 20 17.05 17.16 -34.89
CA ASN B 20 16.00 18.15 -35.06
C ASN B 20 16.20 19.30 -34.08
N PRO B 21 16.86 20.39 -34.54
CA PRO B 21 17.19 21.57 -33.75
C PRO B 21 15.96 22.39 -33.27
N ALA B 22 14.79 22.15 -33.87
CA ALA B 22 13.56 22.80 -33.40
C ALA B 22 13.09 22.21 -32.07
N LEU B 23 13.87 21.29 -31.51
CA LEU B 23 13.54 20.63 -30.25
C LEU B 23 14.46 20.99 -29.07
N ARG B 24 15.47 21.82 -29.31
CA ARG B 24 16.54 21.92 -28.32
C ARG B 24 16.18 22.70 -27.05
N ASP B 25 15.19 23.59 -27.11
CA ASP B 25 14.80 24.31 -25.92
C ASP B 25 13.30 24.29 -25.64
N ILE B 26 12.62 23.23 -26.09
CA ILE B 26 11.26 22.91 -25.62
C ILE B 26 11.31 21.58 -24.85
N PRO B 27 10.38 21.38 -23.91
CA PRO B 27 10.39 20.11 -23.16
C PRO B 27 10.07 18.88 -24.03
N ILE B 28 11.05 18.00 -24.22
CA ILE B 28 10.81 16.75 -24.93
C ILE B 28 11.22 15.55 -24.08
N ALA B 29 10.71 14.39 -24.45
CA ALA B 29 11.09 13.15 -23.79
C ALA B 29 11.05 12.02 -24.82
N ILE B 30 11.84 10.97 -24.59
CA ILE B 30 11.73 9.79 -25.41
C ILE B 30 11.04 8.71 -24.58
N GLY B 31 9.90 8.23 -25.05
CA GLY B 31 9.15 7.21 -24.35
C GLY B 31 7.95 6.73 -25.13
N GLY B 32 7.17 5.84 -24.53
CA GLY B 32 5.95 5.35 -25.14
C GLY B 32 4.75 6.11 -24.64
N SER B 33 3.70 6.17 -25.46
CA SER B 33 2.51 6.97 -25.13
C SER B 33 1.74 6.39 -23.96
N ARG B 34 0.87 7.21 -23.39
CA ARG B 34 0.02 6.79 -22.27
C ARG B 34 -0.80 5.55 -22.65
N GLU B 35 -1.34 5.53 -23.85
CA GLU B 35 -2.22 4.44 -24.26
C GLU B 35 -1.46 3.18 -24.64
N ARG B 36 -0.15 3.33 -24.85
CA ARG B 36 0.73 2.17 -25.05
C ARG B 36 1.27 1.72 -23.70
N ARG B 37 0.75 2.36 -22.64
CA ARG B 37 1.15 2.12 -21.26
C ARG B 37 2.66 2.31 -21.09
N GLY B 38 3.16 3.35 -21.74
CA GLY B 38 4.57 3.65 -21.72
C GLY B 38 5.16 4.35 -20.52
N VAL B 39 6.45 4.60 -20.67
CA VAL B 39 7.30 5.12 -19.62
C VAL B 39 8.26 6.09 -20.32
N ILE B 40 8.82 7.06 -19.60
CA ILE B 40 9.87 7.91 -20.15
C ILE B 40 11.24 7.20 -20.13
N SER B 41 11.89 7.07 -21.30
CA SER B 41 13.27 6.58 -21.33
C SER B 41 14.20 7.66 -20.81
N THR B 42 14.03 8.86 -21.34
CA THR B 42 14.78 10.02 -20.85
C THR B 42 14.07 11.31 -21.28
N ALA B 43 14.44 12.41 -20.65
CA ALA B 43 13.87 13.70 -20.97
C ALA B 43 15.01 14.71 -21.04
N ASN B 44 14.83 15.75 -21.87
CA ASN B 44 15.84 16.82 -21.94
C ASN B 44 15.67 17.80 -20.78
N TYR B 45 16.61 18.74 -20.62
CA TYR B 45 16.62 19.62 -19.45
C TYR B 45 15.42 20.57 -19.28
N PRO B 46 14.91 21.15 -20.40
CA PRO B 46 13.67 21.93 -20.22
C PRO B 46 12.52 21.10 -19.64
N ALA B 47 12.49 19.80 -19.96
CA ALA B 47 11.48 18.89 -19.41
C ALA B 47 11.81 18.46 -17.97
N ARG B 48 13.09 18.34 -17.64
CA ARG B 48 13.49 17.91 -16.30
C ARG B 48 13.11 18.96 -15.24
N LYS B 49 13.09 20.22 -15.66
CA LYS B 49 12.62 21.32 -14.83
C LYS B 49 11.22 21.05 -14.23
N PHE B 50 10.36 20.40 -15.02
CA PHE B 50 9.01 20.04 -14.60
C PHE B 50 8.94 18.75 -13.78
N GLY B 51 10.08 18.08 -13.60
CA GLY B 51 10.13 16.87 -12.81
C GLY B 51 10.00 15.60 -13.63
N VAL B 52 10.00 15.74 -14.94
CA VAL B 52 10.01 14.57 -15.81
C VAL B 52 11.35 13.85 -15.61
N ARG B 53 11.28 12.55 -15.34
CA ARG B 53 12.46 11.72 -15.08
C ARG B 53 12.38 10.42 -15.86
N SER B 54 13.53 9.79 -16.07
CA SER B 54 13.57 8.43 -16.57
C SER B 54 12.75 7.49 -15.68
N ALA B 55 12.09 6.51 -16.30
CA ALA B 55 11.33 5.44 -15.63
C ALA B 55 9.95 5.90 -15.15
N MET B 56 9.69 7.20 -15.23
CA MET B 56 8.38 7.73 -14.85
C MET B 56 7.32 7.34 -15.89
N PRO B 57 6.16 6.86 -15.43
CA PRO B 57 5.06 6.52 -16.34
C PRO B 57 4.66 7.73 -17.17
N THR B 58 4.50 7.55 -18.47
CA THR B 58 4.23 8.65 -19.38
C THR B 58 3.01 9.48 -18.97
N GLY B 59 2.03 8.80 -18.37
CA GLY B 59 0.84 9.49 -17.87
C GLY B 59 1.20 10.53 -16.83
N MET B 60 2.08 10.16 -15.89
CA MET B 60 2.49 11.08 -14.85
C MET B 60 3.29 12.26 -15.41
N ALA B 61 4.15 11.97 -16.39
CA ALA B 61 5.01 12.98 -16.99
C ALA B 61 4.22 14.03 -17.76
N LEU B 62 3.03 13.66 -18.22
CA LEU B 62 2.15 14.58 -18.94
C LEU B 62 1.32 15.44 -18.00
N LYS B 63 1.01 14.92 -16.81
CA LYS B 63 0.30 15.71 -15.81
C LYS B 63 1.24 16.77 -15.28
N LEU B 64 2.52 16.41 -15.15
CA LEU B 64 3.56 17.32 -14.67
C LEU B 64 3.97 18.35 -15.72
N CYS B 65 3.92 17.94 -16.98
CA CYS B 65 4.39 18.77 -18.07
C CYS B 65 3.49 18.63 -19.30
N PRO B 66 2.33 19.32 -19.29
CA PRO B 66 1.27 19.12 -20.30
C PRO B 66 1.72 19.42 -21.73
N HIS B 67 2.79 20.19 -21.87
CA HIS B 67 3.25 20.60 -23.20
C HIS B 67 4.45 19.75 -23.64
N LEU B 68 4.66 18.65 -22.91
CA LEU B 68 5.72 17.70 -23.23
C LEU B 68 5.55 17.13 -24.63
N THR B 69 6.63 17.13 -25.39
CA THR B 69 6.65 16.47 -26.69
C THR B 69 7.23 15.06 -26.55
N LEU B 70 6.52 14.07 -27.07
CA LEU B 70 6.90 12.67 -26.98
C LEU B 70 7.48 12.14 -28.29
N LEU B 71 8.74 11.70 -28.24
CA LEU B 71 9.39 11.05 -29.38
C LEU B 71 9.49 9.53 -29.14
N PRO B 72 9.30 8.74 -30.20
CA PRO B 72 9.30 7.26 -30.13
C PRO B 72 10.69 6.64 -29.95
N GLY B 73 11.74 7.30 -30.43
CA GLY B 73 13.07 6.80 -30.22
C GLY B 73 13.65 6.02 -31.40
N ARG B 74 14.82 6.45 -31.85
CA ARG B 74 15.46 5.84 -33.01
C ARG B 74 16.75 5.14 -32.60
N PHE B 75 16.66 3.85 -32.30
CA PHE B 75 17.80 3.11 -31.77
C PHE B 75 19.05 3.17 -32.66
N ASP B 76 18.87 3.12 -33.97
CA ASP B 76 20.01 3.09 -34.89
C ASP B 76 20.84 4.36 -34.81
N ALA B 77 20.17 5.50 -34.62
CA ALA B 77 20.85 6.76 -34.37
C ALA B 77 21.75 6.66 -33.13
N TYR B 78 21.19 6.10 -32.07
CA TYR B 78 21.90 5.96 -30.80
C TYR B 78 23.05 4.95 -30.87
N LYS B 79 22.81 3.84 -31.57
CA LYS B 79 23.81 2.78 -31.71
C LYS B 79 25.03 3.29 -32.45
N GLU B 80 24.79 4.13 -33.46
CA GLU B 80 25.86 4.70 -34.28
C GLU B 80 26.74 5.65 -33.49
N ALA B 81 26.10 6.55 -32.75
CA ALA B 81 26.79 7.47 -31.86
C ALA B 81 27.64 6.71 -30.84
N SER B 82 27.04 5.69 -30.24
CA SER B 82 27.74 4.83 -29.30
C SER B 82 28.97 4.14 -29.90
N ASN B 83 28.82 3.62 -31.11
CA ASN B 83 29.97 3.05 -31.82
C ASN B 83 31.09 4.07 -31.97
N HIS B 84 30.72 5.27 -32.41
CA HIS B 84 31.67 6.37 -32.64
C HIS B 84 32.38 6.77 -31.35
N ILE B 85 31.59 6.96 -30.29
CA ILE B 85 32.09 7.29 -28.96
C ILE B 85 33.16 6.31 -28.47
N ARG B 86 32.86 5.01 -28.60
CA ARG B 86 33.79 3.97 -28.15
C ARG B 86 35.07 3.94 -28.98
N GLU B 87 34.99 4.27 -30.27
CA GLU B 87 36.18 4.34 -31.12
C GLU B 87 37.06 5.50 -30.68
N ILE B 88 36.44 6.60 -30.29
CA ILE B 88 37.18 7.73 -29.78
C ILE B 88 37.96 7.31 -28.53
N PHE B 89 37.27 6.60 -27.65
CA PHE B 89 37.88 6.08 -26.42
C PHE B 89 39.11 5.23 -26.72
N SER B 90 39.03 4.42 -27.78
CA SER B 90 40.10 3.50 -28.15
C SER B 90 41.34 4.21 -28.70
N ARG B 91 41.21 5.48 -29.05
CA ARG B 91 42.35 6.28 -29.48
C ARG B 91 43.27 6.53 -28.29
N TYR B 92 42.69 6.54 -27.09
CA TYR B 92 43.42 6.93 -25.91
C TYR B 92 43.87 5.73 -25.07
N THR B 93 43.11 4.64 -25.10
CA THR B 93 43.47 3.42 -24.38
C THR B 93 42.73 2.20 -24.93
N SER B 94 43.19 1.00 -24.59
CA SER B 94 42.43 -0.22 -24.92
C SER B 94 41.69 -0.77 -23.70
N ARG B 95 42.02 -0.24 -22.51
CA ARG B 95 41.37 -0.65 -21.28
C ARG B 95 40.00 0.04 -21.15
N ILE B 96 39.01 -0.52 -21.83
CA ILE B 96 37.70 0.09 -21.95
C ILE B 96 36.60 -0.87 -21.52
N GLU B 97 35.74 -0.42 -20.61
CA GLU B 97 34.59 -1.21 -20.21
C GLU B 97 33.30 -0.42 -20.41
N PRO B 98 32.62 -0.63 -21.55
CA PRO B 98 31.33 0.00 -21.83
C PRO B 98 30.28 -0.47 -20.81
N LEU B 99 29.42 0.43 -20.35
CA LEU B 99 28.41 0.06 -19.36
C LEU B 99 27.02 0.03 -19.98
N SER B 100 26.94 0.58 -21.19
CA SER B 100 25.73 0.74 -21.97
C SER B 100 26.11 1.53 -23.20
N LEU B 101 25.12 1.91 -24.00
CA LEU B 101 25.38 2.72 -25.19
C LEU B 101 26.09 4.05 -24.92
N ASP B 102 25.96 4.57 -23.69
CA ASP B 102 26.32 5.96 -23.46
C ASP B 102 27.44 6.20 -22.45
N GLU B 103 28.01 5.13 -21.91
CA GLU B 103 29.06 5.34 -20.92
C GLU B 103 30.06 4.20 -20.83
N ALA B 104 31.25 4.54 -20.37
CA ALA B 104 32.31 3.56 -20.16
C ALA B 104 33.30 4.01 -19.10
N TYR B 105 33.84 3.05 -18.36
CA TYR B 105 35.05 3.26 -17.59
C TYR B 105 36.27 3.17 -18.52
N LEU B 106 37.30 3.97 -18.24
CA LEU B 106 38.60 3.83 -18.90
C LEU B 106 39.72 3.75 -17.86
N ASP B 107 40.66 2.83 -18.05
CA ASP B 107 41.85 2.76 -17.21
C ASP B 107 42.97 3.46 -17.97
N VAL B 108 43.52 4.51 -17.39
CA VAL B 108 44.54 5.33 -18.07
C VAL B 108 45.77 5.51 -17.19
N THR B 109 45.97 4.57 -16.26
CA THR B 109 47.13 4.60 -15.37
C THR B 109 48.44 4.56 -16.15
N ASP B 110 48.44 3.83 -17.25
CA ASP B 110 49.65 3.62 -18.04
C ASP B 110 49.78 4.61 -19.20
N SER B 111 48.77 5.45 -19.40
CA SER B 111 48.73 6.28 -20.60
C SER B 111 49.89 7.26 -20.70
N VAL B 112 50.43 7.39 -21.92
CA VAL B 112 51.45 8.38 -22.23
C VAL B 112 50.83 9.68 -22.73
N HIS B 113 49.54 9.63 -23.04
CA HIS B 113 48.82 10.78 -23.56
C HIS B 113 48.77 11.92 -22.54
N CYS B 114 48.91 13.15 -23.04
CA CYS B 114 48.77 14.37 -22.24
C CYS B 114 49.61 14.38 -20.97
N HIS B 115 50.85 13.89 -21.09
CA HIS B 115 51.79 13.83 -19.98
C HIS B 115 51.24 13.00 -18.81
N GLY B 116 50.34 12.07 -19.12
CA GLY B 116 49.84 11.15 -18.12
C GLY B 116 48.79 11.74 -17.21
N SER B 117 48.23 12.87 -17.64
CA SER B 117 47.21 13.56 -16.84
C SER B 117 45.80 13.09 -17.18
N ALA B 118 45.21 12.34 -16.27
CA ALA B 118 43.83 11.87 -16.45
C ALA B 118 42.87 13.05 -16.64
N THR B 119 43.11 14.16 -15.95
CA THR B 119 42.28 15.36 -16.11
C THR B 119 42.28 15.83 -17.56
N LEU B 120 43.47 15.90 -18.14
CA LEU B 120 43.62 16.44 -19.48
C LEU B 120 43.12 15.44 -20.52
N ILE B 121 43.29 14.15 -20.26
CA ILE B 121 42.75 13.12 -21.14
C ILE B 121 41.21 13.21 -21.18
N ALA B 122 40.59 13.31 -20.02
CA ALA B 122 39.13 13.41 -19.94
C ALA B 122 38.63 14.64 -20.70
N GLN B 123 39.28 15.78 -20.47
CA GLN B 123 38.95 17.02 -21.17
C GLN B 123 39.07 16.86 -22.68
N GLU B 124 40.13 16.17 -23.10
CA GLU B 124 40.38 15.99 -24.52
C GLU B 124 39.34 15.05 -25.12
N ILE B 125 38.99 14.00 -24.38
CA ILE B 125 38.01 13.03 -24.85
C ILE B 125 36.66 13.69 -25.02
N ARG B 126 36.23 14.46 -24.02
CA ARG B 126 34.97 15.19 -24.09
C ARG B 126 34.93 16.17 -25.26
N GLN B 127 36.05 16.85 -25.50
CA GLN B 127 36.13 17.88 -26.54
C GLN B 127 36.09 17.29 -27.95
N THR B 128 36.81 16.19 -28.15
CA THR B 128 36.76 15.42 -29.39
C THR B 128 35.33 14.94 -29.68
N ILE B 129 34.63 14.47 -28.64
CA ILE B 129 33.26 13.96 -28.77
C ILE B 129 32.30 15.05 -29.22
N PHE B 130 32.51 16.27 -28.76
CA PHE B 130 31.68 17.41 -29.17
C PHE B 130 31.99 17.85 -30.61
N ASN B 131 33.27 17.77 -30.98
CA ASN B 131 33.67 18.15 -32.32
C ASN B 131 33.18 17.15 -33.37
N GLU B 132 33.39 15.86 -33.13
CA GLU B 132 33.06 14.83 -34.13
C GLU B 132 31.61 14.34 -34.09
N LEU B 133 30.90 14.55 -32.99
CA LEU B 133 29.53 14.05 -32.87
C LEU B 133 28.50 15.14 -32.60
N GLN B 134 28.96 16.34 -32.23
CA GLN B 134 28.11 17.47 -31.79
C GLN B 134 27.21 17.08 -30.61
N LEU B 135 27.68 16.14 -29.80
CA LEU B 135 27.01 15.76 -28.56
C LEU B 135 27.94 16.03 -27.38
N THR B 136 27.37 16.38 -26.24
CA THR B 136 28.18 16.67 -25.07
C THR B 136 28.24 15.50 -24.08
N ALA B 137 29.34 15.45 -23.35
CA ALA B 137 29.61 14.40 -22.39
C ALA B 137 30.13 14.98 -21.09
N SER B 138 29.89 14.27 -20.00
CA SER B 138 30.49 14.60 -18.72
C SER B 138 31.47 13.51 -18.33
N ALA B 139 32.40 13.83 -17.42
CA ALA B 139 33.39 12.86 -17.02
C ALA B 139 33.76 12.98 -15.53
N GLY B 140 34.06 11.84 -14.93
CA GLY B 140 34.58 11.77 -13.59
C GLY B 140 35.96 11.13 -13.63
N VAL B 141 36.87 11.64 -12.82
CA VAL B 141 38.21 11.10 -12.71
C VAL B 141 38.46 10.77 -11.25
N ALA B 142 38.96 9.57 -10.96
CA ALA B 142 39.10 9.12 -9.59
C ALA B 142 40.07 7.93 -9.49
N PRO B 143 40.56 7.63 -8.26
CA PRO B 143 41.44 6.48 -8.05
C PRO B 143 40.77 5.12 -8.27
N VAL B 144 39.45 5.05 -8.14
CA VAL B 144 38.70 3.80 -8.31
C VAL B 144 37.40 4.00 -9.09
N LYS B 145 36.80 2.90 -9.54
CA LYS B 145 35.59 2.93 -10.35
C LYS B 145 34.42 3.74 -9.77
N PHE B 146 33.92 3.35 -8.60
CA PHE B 146 32.68 3.91 -8.10
C PHE B 146 32.83 5.43 -7.85
N LEU B 147 34.01 5.86 -7.40
CA LEU B 147 34.25 7.29 -7.24
C LEU B 147 34.28 8.00 -8.59
N ALA B 148 34.81 7.35 -9.62
CA ALA B 148 34.85 7.97 -10.94
C ALA B 148 33.43 8.18 -11.47
N LYS B 149 32.55 7.20 -11.27
CA LYS B 149 31.19 7.33 -11.74
C LYS B 149 30.39 8.40 -10.96
N ILE B 150 30.56 8.44 -9.64
CA ILE B 150 29.96 9.50 -8.83
C ILE B 150 30.44 10.88 -9.31
N ALA B 151 31.75 11.03 -9.49
CA ALA B 151 32.33 12.29 -9.89
C ALA B 151 31.85 12.76 -11.25
N SER B 152 31.47 11.84 -12.15
CA SER B 152 30.99 12.25 -13.46
C SER B 152 29.60 12.89 -13.40
N ASP B 153 28.89 12.69 -12.30
CA ASP B 153 27.57 13.29 -12.16
C ASP B 153 27.63 14.69 -11.57
N MET B 154 28.80 15.11 -11.08
CA MET B 154 28.85 16.32 -10.26
C MET B 154 28.93 17.63 -11.01
N ASN B 155 29.38 17.59 -12.26
CA ASN B 155 29.43 18.79 -13.07
C ASN B 155 28.74 18.51 -14.37
N LYS B 156 27.66 17.77 -14.31
CA LYS B 156 26.86 17.45 -15.48
C LYS B 156 25.82 18.57 -15.65
N PRO B 157 25.53 18.99 -16.89
CA PRO B 157 26.06 18.53 -18.18
C PRO B 157 27.33 19.26 -18.63
N ASN B 158 28.02 18.69 -19.62
CA ASN B 158 29.17 19.32 -20.26
C ASN B 158 30.25 19.83 -19.31
N GLY B 159 30.62 18.99 -18.35
CA GLY B 159 31.64 19.33 -17.39
C GLY B 159 32.25 18.08 -16.78
N GLN B 160 33.29 18.26 -15.99
CA GLN B 160 33.94 17.12 -15.38
C GLN B 160 34.34 17.41 -13.95
N PHE B 161 34.72 16.37 -13.23
CA PHE B 161 35.12 16.53 -11.84
C PHE B 161 36.16 15.50 -11.44
N VAL B 162 37.18 15.96 -10.71
CA VAL B 162 38.32 15.13 -10.38
C VAL B 162 38.41 14.91 -8.86
N ILE B 163 38.72 13.68 -8.47
CA ILE B 163 38.93 13.34 -7.06
C ILE B 163 40.33 12.76 -6.89
N THR B 164 41.17 13.52 -6.18
CA THR B 164 42.52 13.12 -5.85
C THR B 164 42.51 12.04 -4.77
N PRO B 165 43.49 11.12 -4.81
CA PRO B 165 43.73 10.26 -3.65
C PRO B 165 43.73 11.03 -2.30
N ALA B 166 44.38 12.20 -2.25
CA ALA B 166 44.37 13.03 -1.04
C ALA B 166 42.99 13.56 -0.65
N GLU B 167 42.07 13.63 -1.61
CA GLU B 167 40.74 14.23 -1.35
C GLU B 167 39.68 13.20 -0.99
N VAL B 168 39.98 11.91 -1.17
CA VAL B 168 39.00 10.86 -0.91
C VAL B 168 38.48 10.80 0.56
N PRO B 169 39.36 10.95 1.57
CA PRO B 169 38.81 10.90 2.93
C PRO B 169 37.79 12.00 3.22
N ALA B 170 38.07 13.25 2.82
CA ALA B 170 37.11 14.35 3.00
C ALA B 170 35.86 14.12 2.16
N PHE B 171 36.04 13.65 0.93
CA PHE B 171 34.92 13.46 0.01
C PHE B 171 33.96 12.40 0.53
N LEU B 172 34.50 11.37 1.18
CA LEU B 172 33.69 10.23 1.67
C LEU B 172 32.90 10.60 2.93
N GLN B 173 33.50 11.39 3.82
CA GLN B 173 32.91 11.68 5.13
C GLN B 173 31.41 12.02 5.09
N THR B 174 30.98 12.86 4.15
CA THR B 174 29.57 13.24 4.12
C THR B 174 28.86 12.74 2.87
N LEU B 175 29.52 11.87 2.12
CA LEU B 175 28.90 11.24 0.96
C LEU B 175 27.71 10.37 1.37
N PRO B 176 26.51 10.72 0.90
CA PRO B 176 25.33 9.92 1.24
C PRO B 176 25.40 8.53 0.60
N LEU B 177 25.18 7.50 1.41
CA LEU B 177 25.11 6.12 0.96
C LEU B 177 24.33 5.92 -0.34
N ALA B 178 23.28 6.71 -0.51
CA ALA B 178 22.39 6.57 -1.64
C ALA B 178 23.06 6.90 -2.99
N LYS B 179 24.13 7.70 -2.95
CA LYS B 179 24.91 8.03 -4.14
C LYS B 179 25.83 6.89 -4.59
N ILE B 180 26.06 5.91 -3.72
CA ILE B 180 26.91 4.78 -4.10
C ILE B 180 26.19 3.87 -5.08
N PRO B 181 26.75 3.69 -6.28
CA PRO B 181 26.19 2.77 -7.27
C PRO B 181 25.84 1.41 -6.64
N GLY B 182 24.60 0.95 -6.81
CA GLY B 182 24.16 -0.30 -6.23
C GLY B 182 23.32 -0.09 -4.98
N VAL B 183 23.36 1.12 -4.42
CA VAL B 183 22.49 1.44 -3.29
C VAL B 183 21.24 2.18 -3.80
N GLY B 184 20.20 1.40 -4.08
CA GLY B 184 18.93 1.93 -4.54
C GLY B 184 18.04 2.29 -3.38
N LYS B 185 16.76 2.46 -3.62
CA LYS B 185 15.86 2.99 -2.60
C LYS B 185 15.61 1.99 -1.47
N VAL B 186 15.53 0.71 -1.81
CA VAL B 186 15.30 -0.31 -0.78
C VAL B 186 16.50 -0.39 0.18
N SER B 187 17.71 -0.36 -0.37
CA SER B 187 18.91 -0.37 0.47
C SER B 187 19.05 0.92 1.26
N ALA B 188 18.85 2.05 0.59
CA ALA B 188 18.93 3.37 1.22
C ALA B 188 18.05 3.45 2.46
N ALA B 189 16.79 3.04 2.34
CA ALA B 189 15.80 3.14 3.42
C ALA B 189 16.09 2.12 4.53
N LYS B 190 16.64 0.99 4.12
CA LYS B 190 16.98 -0.08 5.06
C LYS B 190 18.16 0.37 5.92
N LEU B 191 19.12 1.05 5.30
CA LEU B 191 20.25 1.65 6.03
C LEU B 191 19.83 2.82 6.95
N GLU B 192 18.97 3.70 6.43
CA GLU B 192 18.53 4.87 7.17
C GLU B 192 17.70 4.47 8.38
N ALA B 193 17.03 3.33 8.29
CA ALA B 193 16.29 2.79 9.43
C ALA B 193 17.25 2.33 10.52
N MET B 194 18.52 2.13 10.13
CA MET B 194 19.56 1.73 11.07
C MET B 194 20.44 2.88 11.52
N GLY B 195 20.01 4.11 11.21
CA GLY B 195 20.76 5.30 11.57
C GLY B 195 22.00 5.54 10.72
N LEU B 196 22.03 4.94 9.53
CA LEU B 196 23.17 5.10 8.62
C LEU B 196 22.78 5.89 7.37
N ARG B 197 23.24 7.13 7.29
CA ARG B 197 22.94 7.95 6.11
C ARG B 197 24.15 8.08 5.19
N THR B 198 25.33 8.27 5.77
CA THR B 198 26.51 8.61 4.98
C THR B 198 27.63 7.57 5.07
N CYS B 199 28.65 7.73 4.22
CA CYS B 199 29.84 6.87 4.29
C CYS B 199 30.57 7.06 5.62
N GLY B 200 30.47 8.26 6.17
CA GLY B 200 31.01 8.57 7.48
C GLY B 200 30.41 7.66 8.55
N ASP B 201 29.09 7.49 8.50
CA ASP B 201 28.38 6.65 9.48
C ASP B 201 28.80 5.19 9.40
N VAL B 202 29.13 4.72 8.20
CA VAL B 202 29.46 3.32 7.96
C VAL B 202 30.89 3.00 8.41
N GLN B 203 31.77 4.00 8.36
CA GLN B 203 33.14 3.79 8.80
C GLN B 203 33.18 3.51 10.30
N LYS B 204 32.30 4.19 11.05
CA LYS B 204 32.27 4.08 12.50
C LYS B 204 31.42 2.90 12.99
N CYS B 205 31.15 1.93 12.13
CA CYS B 205 30.33 0.79 12.54
C CYS B 205 31.05 -0.54 12.29
N ASP B 206 30.43 -1.60 12.80
CA ASP B 206 31.05 -2.92 12.86
C ASP B 206 30.78 -3.78 11.63
N LEU B 207 31.85 -4.33 11.05
CA LEU B 207 31.78 -5.14 9.84
C LEU B 207 30.92 -6.41 9.98
N VAL B 208 31.07 -7.11 11.10
CA VAL B 208 30.30 -8.34 11.34
C VAL B 208 28.79 -8.11 11.24
N MET B 209 28.31 -7.01 11.79
CA MET B 209 26.88 -6.69 11.77
C MET B 209 26.40 -6.38 10.35
N LEU B 210 27.27 -5.77 9.54
CA LEU B 210 26.92 -5.45 8.15
C LEU B 210 26.90 -6.72 7.30
N LEU B 211 27.84 -7.62 7.54
CA LEU B 211 27.81 -8.93 6.88
C LEU B 211 26.54 -9.69 7.28
N LYS B 212 26.24 -9.66 8.58
CA LYS B 212 25.07 -10.32 9.15
C LYS B 212 23.75 -9.82 8.54
N ARG B 213 23.62 -8.51 8.39
CA ARG B 213 22.37 -7.89 7.98
C ARG B 213 22.23 -7.71 6.46
N PHE B 214 23.32 -7.84 5.71
CA PHE B 214 23.27 -7.53 4.28
C PHE B 214 23.95 -8.57 3.38
N GLY B 215 24.76 -9.44 3.95
CA GLY B 215 25.47 -10.44 3.15
C GLY B 215 26.68 -9.85 2.45
N LYS B 216 26.89 -10.22 1.19
CA LYS B 216 28.03 -9.70 0.44
C LYS B 216 27.93 -8.18 0.29
N PHE B 217 26.69 -7.71 0.11
CA PHE B 217 26.41 -6.29 -0.05
C PHE B 217 26.97 -5.49 1.11
N GLY B 218 26.83 -6.02 2.31
CA GLY B 218 27.30 -5.34 3.51
C GLY B 218 28.80 -5.16 3.54
N ARG B 219 29.51 -6.05 2.84
CA ARG B 219 30.97 -5.95 2.76
C ARG B 219 31.37 -4.93 1.69
N ILE B 220 30.63 -4.92 0.59
CA ILE B 220 30.84 -3.95 -0.48
C ILE B 220 30.60 -2.56 0.08
N LEU B 221 29.55 -2.41 0.90
CA LEU B 221 29.25 -1.14 1.55
C LEU B 221 30.35 -0.72 2.51
N TRP B 222 30.84 -1.65 3.31
CA TRP B 222 31.91 -1.34 4.26
C TRP B 222 33.18 -0.88 3.53
N GLU B 223 33.52 -1.56 2.43
CA GLU B 223 34.70 -1.24 1.63
C GLU B 223 34.64 0.12 0.95
N ARG B 224 33.61 0.33 0.13
CA ARG B 224 33.46 1.59 -0.59
C ARG B 224 33.37 2.78 0.36
N SER B 225 32.91 2.55 1.59
CA SER B 225 32.90 3.61 2.60
C SER B 225 34.33 3.95 3.04
N GLN B 226 35.24 3.00 2.87
CA GLN B 226 36.66 3.21 3.14
C GLN B 226 37.39 3.73 1.90
N GLY B 227 36.66 3.85 0.79
CA GLY B 227 37.27 4.26 -0.48
C GLY B 227 37.86 3.10 -1.26
N ILE B 228 37.71 1.90 -0.72
CA ILE B 228 38.21 0.69 -1.37
C ILE B 228 37.26 0.19 -2.44
N ASP B 229 37.81 0.01 -3.65
CA ASP B 229 37.09 -0.55 -4.78
C ASP B 229 38.13 -1.20 -5.70
N GLU B 230 38.39 -2.49 -5.49
CA GLU B 230 39.49 -3.16 -6.16
C GLU B 230 39.14 -3.66 -7.55
N ARG B 231 37.89 -3.47 -7.95
CA ARG B 231 37.46 -3.91 -9.28
C ARG B 231 38.32 -3.28 -10.37
N ASP B 232 38.86 -4.12 -11.24
CA ASP B 232 39.64 -3.64 -12.37
C ASP B 232 38.71 -3.34 -13.54
N VAL B 233 39.09 -2.37 -14.35
CA VAL B 233 38.42 -2.14 -15.62
C VAL B 233 38.56 -3.39 -16.47
N ASN B 234 37.44 -3.93 -16.93
CA ASN B 234 37.45 -5.15 -17.72
C ASN B 234 36.92 -4.96 -19.14
N SER B 235 37.83 -5.08 -20.10
CA SER B 235 37.51 -4.85 -21.51
C SER B 235 37.00 -6.09 -22.23
N GLU B 236 36.85 -7.21 -21.53
CA GLU B 236 36.49 -8.48 -22.19
C GLU B 236 35.13 -9.04 -21.77
N ARG B 237 34.26 -8.18 -21.23
CA ARG B 237 32.92 -8.61 -20.80
C ARG B 237 32.00 -8.89 -21.99
N LEU B 238 31.24 -9.97 -21.88
CA LEU B 238 30.32 -10.36 -22.93
C LEU B 238 28.89 -10.49 -22.40
N ARG B 239 27.93 -10.16 -23.25
CA ARG B 239 26.52 -10.43 -23.01
C ARG B 239 26.29 -11.87 -22.54
N LYS B 240 25.49 -12.03 -21.48
CA LYS B 240 25.24 -13.35 -20.92
C LYS B 240 23.83 -13.88 -21.22
N SER B 241 22.95 -13.00 -21.67
CA SER B 241 21.59 -13.40 -22.03
C SER B 241 21.00 -12.48 -23.08
N VAL B 242 19.94 -12.96 -23.72
CA VAL B 242 19.20 -12.23 -24.74
C VAL B 242 17.71 -12.44 -24.50
N GLY B 243 16.97 -11.36 -24.42
CA GLY B 243 15.53 -11.46 -24.22
C GLY B 243 14.78 -10.54 -25.16
N VAL B 244 13.51 -10.85 -25.39
CA VAL B 244 12.61 -9.94 -26.10
C VAL B 244 11.22 -10.02 -25.44
N GLU B 245 10.58 -8.86 -25.24
CA GLU B 245 9.30 -8.85 -24.52
C GLU B 245 8.41 -7.66 -24.92
N ARG B 246 7.09 -7.86 -24.87
CA ARG B 246 6.21 -6.74 -25.20
C ARG B 246 5.12 -6.54 -24.15
N THR B 247 4.80 -5.27 -23.87
CA THR B 247 3.64 -4.93 -23.04
C THR B 247 2.44 -4.56 -23.92
N MET B 248 1.31 -5.24 -23.74
CA MET B 248 0.08 -4.93 -24.50
C MET B 248 -0.62 -3.68 -23.98
N ALA B 249 -1.36 -3.01 -24.85
CA ALA B 249 -2.21 -1.87 -24.48
C ALA B 249 -3.41 -2.30 -23.65
N GLU B 250 -3.92 -3.50 -23.90
CA GLU B 250 -4.94 -4.11 -23.04
C GLU B 250 -4.51 -5.51 -22.59
N ASP B 251 -4.80 -5.83 -21.33
CA ASP B 251 -4.52 -7.18 -20.81
C ASP B 251 -5.20 -8.28 -21.63
N ILE B 252 -4.50 -9.40 -21.79
CA ILE B 252 -5.08 -10.53 -22.51
C ILE B 252 -5.59 -11.58 -21.53
N HIS B 253 -6.64 -12.30 -21.92
CA HIS B 253 -7.24 -13.31 -21.05
C HIS B 253 -7.35 -14.70 -21.70
N HIS B 254 -7.07 -14.78 -23.00
CA HIS B 254 -7.14 -16.04 -23.73
C HIS B 254 -5.73 -16.57 -24.06
N TRP B 255 -5.51 -17.87 -23.83
CA TRP B 255 -4.28 -18.54 -24.23
C TRP B 255 -3.89 -18.30 -25.71
N SER B 256 -4.84 -18.43 -26.65
CA SER B 256 -4.51 -18.23 -28.07
C SER B 256 -3.88 -16.86 -28.35
N GLU B 257 -4.22 -15.87 -27.54
CA GLU B 257 -3.64 -14.54 -27.66
C GLU B 257 -2.20 -14.54 -27.19
N CYS B 258 -1.94 -15.23 -26.09
CA CYS B 258 -0.57 -15.43 -25.63
C CYS B 258 0.28 -16.15 -26.67
N GLU B 259 -0.30 -17.15 -27.31
CA GLU B 259 0.44 -17.94 -28.28
C GLU B 259 0.79 -17.07 -29.45
N ALA B 260 -0.19 -16.31 -29.92
CA ALA B 260 -0.01 -15.48 -31.12
C ALA B 260 1.10 -14.48 -30.88
N ILE B 261 1.14 -13.89 -29.68
CA ILE B 261 2.19 -12.94 -29.34
C ILE B 261 3.55 -13.63 -29.29
N ILE B 262 3.56 -14.88 -28.87
CA ILE B 262 4.82 -15.61 -28.80
C ILE B 262 5.34 -15.84 -30.22
N GLU B 263 4.47 -16.23 -31.15
CA GLU B 263 4.84 -16.44 -32.55
C GLU B 263 5.45 -15.17 -33.16
N ARG B 264 4.99 -14.02 -32.68
CA ARG B 264 5.47 -12.75 -33.21
C ARG B 264 6.76 -12.30 -32.54
N LEU B 265 6.92 -12.63 -31.27
CA LEU B 265 8.18 -12.35 -30.58
C LEU B 265 9.33 -13.25 -31.04
N TYR B 266 9.02 -14.48 -31.43
CA TYR B 266 10.05 -15.48 -31.64
C TYR B 266 11.09 -15.13 -32.72
N PRO B 267 10.65 -14.67 -33.93
CA PRO B 267 11.69 -14.45 -34.93
C PRO B 267 12.62 -13.32 -34.54
N GLU B 268 12.12 -12.40 -33.73
CA GLU B 268 12.94 -11.32 -33.20
C GLU B 268 14.00 -11.85 -32.24
N LEU B 269 13.62 -12.83 -31.44
CA LEU B 269 14.57 -13.46 -30.55
C LEU B 269 15.61 -14.26 -31.34
N GLU B 270 15.14 -15.03 -32.31
CA GLU B 270 16.05 -15.85 -33.13
C GLU B 270 17.09 -14.98 -33.83
N ARG B 271 16.60 -13.94 -34.49
CA ARG B 271 17.41 -13.03 -35.27
C ARG B 271 18.46 -12.30 -34.41
N ARG B 272 18.10 -11.99 -33.16
CA ARG B 272 19.04 -11.35 -32.24
C ARG B 272 20.08 -12.33 -31.71
N LEU B 273 19.62 -13.52 -31.35
CA LEU B 273 20.53 -14.60 -30.93
C LEU B 273 21.46 -15.00 -32.07
N ALA B 274 20.93 -15.01 -33.28
CA ALA B 274 21.71 -15.34 -34.48
C ALA B 274 22.97 -14.50 -34.57
N LYS B 275 22.82 -13.20 -34.30
CA LYS B 275 23.93 -12.27 -34.53
C LYS B 275 25.05 -12.38 -33.51
N VAL B 276 24.86 -13.18 -32.47
CA VAL B 276 25.93 -13.43 -31.50
C VAL B 276 26.32 -14.93 -31.39
N LYS B 277 25.35 -15.81 -31.64
CA LYS B 277 25.65 -17.24 -31.74
C LYS B 277 24.94 -17.86 -32.94
N PRO B 278 25.64 -17.92 -34.08
CA PRO B 278 25.15 -18.40 -35.38
C PRO B 278 24.33 -19.69 -35.29
N ASP B 279 24.80 -20.66 -34.54
CA ASP B 279 24.16 -21.98 -34.47
C ASP B 279 23.12 -22.07 -33.35
N LEU B 280 22.80 -20.92 -32.75
CA LEU B 280 21.71 -20.81 -31.77
C LEU B 280 21.84 -21.78 -30.59
N LEU B 281 23.05 -22.23 -30.31
CA LEU B 281 23.29 -23.12 -29.16
C LEU B 281 23.32 -22.31 -27.87
N ILE B 282 22.53 -22.75 -26.88
CA ILE B 282 22.36 -22.00 -25.63
C ILE B 282 22.35 -22.90 -24.39
N ALA B 283 22.37 -22.29 -23.21
CA ALA B 283 22.35 -23.00 -21.94
C ALA B 283 20.94 -23.13 -21.39
N ARG B 284 20.20 -22.02 -21.40
CA ARG B 284 18.84 -21.97 -20.86
C ARG B 284 17.93 -21.21 -21.80
N GLN B 285 16.64 -21.45 -21.63
CA GLN B 285 15.61 -20.93 -22.50
C GLN B 285 14.33 -20.80 -21.68
N GLY B 286 13.54 -19.76 -21.91
CA GLY B 286 12.32 -19.62 -21.14
C GLY B 286 11.39 -18.46 -21.46
N VAL B 287 10.36 -18.33 -20.63
CA VAL B 287 9.30 -17.36 -20.88
C VAL B 287 9.07 -16.49 -19.67
N LYS B 288 8.60 -15.28 -19.90
CA LYS B 288 8.19 -14.43 -18.79
C LYS B 288 6.75 -14.00 -18.98
N LEU B 289 5.99 -13.96 -17.89
CA LEU B 289 4.66 -13.38 -17.89
C LEU B 289 4.57 -12.30 -16.83
N LYS B 290 3.92 -11.19 -17.15
CA LYS B 290 3.64 -10.18 -16.15
C LYS B 290 2.13 -10.00 -16.10
N PHE B 291 1.57 -9.94 -14.89
CA PHE B 291 0.12 -9.96 -14.71
C PHE B 291 -0.43 -8.59 -14.39
N ASP B 292 -1.76 -8.49 -14.40
CA ASP B 292 -2.42 -7.21 -14.28
C ASP B 292 -2.11 -6.50 -12.95
N ASP B 293 -1.62 -7.24 -11.96
CA ASP B 293 -1.29 -6.62 -10.66
C ASP B 293 0.23 -6.33 -10.54
N PHE B 294 0.93 -6.47 -11.68
CA PHE B 294 2.38 -6.25 -11.86
C PHE B 294 3.26 -7.29 -11.19
N GLN B 295 2.67 -8.38 -10.72
CA GLN B 295 3.47 -9.53 -10.39
C GLN B 295 3.97 -10.12 -11.71
N GLN B 296 5.22 -10.54 -11.73
CA GLN B 296 5.69 -11.27 -12.89
C GLN B 296 6.29 -12.60 -12.50
N THR B 297 6.29 -13.52 -13.46
CA THR B 297 6.88 -14.81 -13.22
C THR B 297 7.66 -15.26 -14.46
N THR B 298 8.75 -15.98 -14.21
CA THR B 298 9.56 -16.55 -15.27
C THR B 298 9.67 -18.06 -15.05
N GLN B 299 9.62 -18.80 -16.14
CA GLN B 299 9.85 -20.22 -16.10
C GLN B 299 10.85 -20.50 -17.20
N GLU B 300 11.97 -21.08 -16.82
CA GLU B 300 12.99 -21.46 -17.79
C GLU B 300 13.72 -22.73 -17.37
N HIS B 301 14.24 -23.44 -18.35
CA HIS B 301 14.91 -24.71 -18.11
C HIS B 301 16.18 -24.80 -18.95
N VAL B 302 17.12 -25.61 -18.50
CA VAL B 302 18.24 -26.02 -19.32
C VAL B 302 17.71 -26.53 -20.65
N TRP B 303 18.30 -26.05 -21.74
CA TRP B 303 17.88 -26.44 -23.08
C TRP B 303 19.05 -26.20 -24.03
N PRO B 304 19.35 -27.18 -24.92
CA PRO B 304 20.59 -27.08 -25.69
C PRO B 304 20.55 -26.10 -26.87
N ARG B 305 19.36 -25.78 -27.40
CA ARG B 305 19.26 -24.95 -28.59
C ARG B 305 17.97 -24.16 -28.59
N LEU B 306 17.99 -22.96 -29.18
CA LEU B 306 16.76 -22.15 -29.25
C LEU B 306 15.70 -22.91 -30.06
N ASN B 307 14.50 -23.00 -29.49
CA ASN B 307 13.43 -23.84 -30.02
C ASN B 307 12.06 -23.23 -29.72
N LYS B 308 11.29 -22.94 -30.76
CA LYS B 308 10.02 -22.25 -30.59
C LYS B 308 8.94 -23.16 -30.03
N ALA B 309 8.89 -24.40 -30.50
CA ALA B 309 7.90 -25.36 -29.99
C ALA B 309 8.02 -25.45 -28.48
N ASP B 310 9.25 -25.51 -27.99
CA ASP B 310 9.52 -25.62 -26.56
C ASP B 310 9.20 -24.34 -25.78
N LEU B 311 9.43 -23.19 -26.41
CA LEU B 311 9.04 -21.93 -25.80
C LEU B 311 7.54 -21.85 -25.63
N ILE B 312 6.81 -22.25 -26.67
CA ILE B 312 5.35 -22.25 -26.61
C ILE B 312 4.84 -23.25 -25.57
N ALA B 313 5.39 -24.46 -25.55
CA ALA B 313 5.04 -25.47 -24.56
C ALA B 313 5.30 -24.98 -23.12
N THR B 314 6.41 -24.29 -22.91
CA THR B 314 6.71 -23.73 -21.60
C THR B 314 5.70 -22.65 -21.21
N ALA B 315 5.27 -21.86 -22.20
CA ALA B 315 4.35 -20.76 -21.94
C ALA B 315 2.99 -21.28 -21.53
N ARG B 316 2.58 -22.39 -22.12
CA ARG B 316 1.30 -22.99 -21.76
C ARG B 316 1.34 -23.48 -20.31
N LYS B 317 2.45 -24.04 -19.87
CA LYS B 317 2.56 -24.50 -18.48
C LYS B 317 2.48 -23.31 -17.53
N THR B 318 3.21 -22.24 -17.85
CA THR B 318 3.21 -21.06 -16.99
C THR B 318 1.82 -20.40 -16.95
N TRP B 319 1.22 -20.28 -18.13
CA TRP B 319 -0.14 -19.72 -18.26
C TRP B 319 -1.15 -20.57 -17.49
N ASP B 320 -1.12 -21.89 -17.66
CA ASP B 320 -2.04 -22.77 -16.94
C ASP B 320 -1.81 -22.80 -15.41
N GLU B 321 -0.56 -22.76 -14.97
CA GLU B 321 -0.27 -22.99 -13.54
C GLU B 321 -0.11 -21.73 -12.69
N ARG B 322 0.36 -20.64 -13.28
CA ARG B 322 0.72 -19.46 -12.49
C ARG B 322 -0.16 -18.23 -12.74
N ARG B 323 -1.04 -18.30 -13.73
CA ARG B 323 -1.86 -17.14 -14.06
C ARG B 323 -2.89 -16.86 -12.96
N GLY B 324 -3.46 -17.93 -12.41
CA GLY B 324 -4.46 -17.82 -11.38
C GLY B 324 -5.61 -16.90 -11.73
N GLY B 325 -6.09 -16.99 -12.96
CA GLY B 325 -7.23 -16.19 -13.38
C GLY B 325 -6.93 -14.76 -13.78
N ARG B 326 -5.73 -14.28 -13.47
CA ARG B 326 -5.37 -12.90 -13.78
C ARG B 326 -5.16 -12.67 -15.28
N GLY B 327 -5.29 -11.40 -15.66
CA GLY B 327 -5.02 -10.98 -17.01
C GLY B 327 -3.52 -10.74 -17.13
N VAL B 328 -3.02 -10.85 -18.35
CA VAL B 328 -1.60 -10.72 -18.61
C VAL B 328 -1.36 -9.44 -19.42
N ARG B 329 -0.41 -8.62 -18.97
CA ARG B 329 -0.09 -7.39 -19.71
C ARG B 329 1.24 -7.44 -20.48
N LEU B 330 2.09 -8.40 -20.15
CA LEU B 330 3.38 -8.57 -20.84
C LEU B 330 3.73 -10.03 -21.11
N VAL B 331 4.20 -10.34 -22.31
CA VAL B 331 4.78 -11.64 -22.64
C VAL B 331 6.27 -11.51 -22.97
N GLY B 332 7.10 -12.37 -22.37
CA GLY B 332 8.53 -12.33 -22.61
C GLY B 332 9.16 -13.66 -23.00
N LEU B 333 10.19 -13.61 -23.86
CA LEU B 333 11.02 -14.76 -24.16
C LEU B 333 12.48 -14.49 -23.75
N HIS B 334 13.16 -15.51 -23.23
CA HIS B 334 14.50 -15.33 -22.68
C HIS B 334 15.43 -16.53 -22.95
N VAL B 335 16.70 -16.25 -23.27
CA VAL B 335 17.70 -17.30 -23.32
C VAL B 335 18.95 -16.88 -22.54
N THR B 336 19.63 -17.86 -21.97
CA THR B 336 20.94 -17.66 -21.37
C THR B 336 21.99 -18.32 -22.24
N LEU B 337 23.07 -17.62 -22.56
CA LEU B 337 24.16 -18.23 -23.35
C LEU B 337 25.05 -19.12 -22.48
N ASP B 338 26.06 -19.76 -23.07
CA ASP B 338 26.98 -20.63 -22.29
C ASP B 338 28.14 -19.81 -21.69
MG MG G . -20.78 5.69 24.39
O2 1FZ H . -21.20 6.24 14.20
O4 1FZ H . -25.33 4.17 14.88
C4 1FZ H . -24.15 4.60 15.35
C5 1FZ H . -23.84 4.46 16.80
C6 1FZ H . -22.64 4.96 17.28
C5M 1FZ H . -24.83 3.81 17.72
N3 1FZ H . -23.25 5.19 14.54
C2 1FZ H . -22.09 5.68 15.03
N1 1FZ H . -21.68 5.48 16.37
C1' 1FZ H . -20.45 6.17 16.85
C2' 1FZ H . -20.72 7.57 17.38
C3' 1FZ H . -20.75 7.42 18.88
O3' 1FZ H . -20.20 8.61 19.48
O4' 1FZ H . -19.91 5.42 17.93
C4' 1FZ H . -19.88 6.20 19.14
C5' 1FZ H . -20.11 5.40 20.42
O5' 1FZ H . -21.36 4.74 20.35
PA 1FZ H . -22.50 4.69 21.49
O1A 1FZ H . -21.77 4.34 22.78
O2A 1FZ H . -23.52 3.72 20.96
N3A 1FZ H . -23.16 6.18 21.53
PB 1FZ H . -22.54 7.54 22.20
O1B 1FZ H . -22.51 8.69 21.27
O2B 1FZ H . -21.25 7.20 22.93
O3B 1FZ H . -23.73 7.97 23.17
PG 1FZ H . -23.99 7.41 24.63
O1G 1FZ H . -23.13 6.19 24.78
O3G 1FZ H . -23.61 8.53 25.51
O2G 1FZ H . -25.44 7.13 24.73
O2 1FZ I . 15.97 3.94 -21.57
O4 1FZ I . 15.32 4.51 -16.94
C4 1FZ I . 16.10 4.69 -18.04
C5 1FZ I . 17.44 5.36 -17.93
C6 1FZ I . 18.17 5.52 -19.09
C5M 1FZ I . 17.95 5.89 -16.61
N3 1FZ I . 15.69 4.25 -19.26
C2 1FZ I . 16.44 4.42 -20.37
N1 1FZ I . 17.75 4.96 -20.32
C1' 1FZ I . 18.29 5.52 -21.59
C2' 1FZ I . 17.98 6.99 -21.81
C3' 1FZ I . 19.30 7.69 -21.52
O3' 1FZ I . 19.47 8.80 -22.40
O4' 1FZ I . 19.70 5.36 -21.54
C4' 1FZ I . 20.36 6.63 -21.70
C5' 1FZ I . 21.52 6.72 -20.71
O5' 1FZ I . 21.06 6.77 -19.34
PA 1FZ I . 21.51 7.95 -18.30
O1A 1FZ I . 22.95 8.34 -18.65
O2A 1FZ I . 21.23 7.39 -16.91
N3A 1FZ I . 20.59 9.25 -18.56
PB 1FZ I . 20.83 10.42 -19.66
O1B 1FZ I . 19.58 10.79 -20.41
O2B 1FZ I . 22.04 10.19 -20.54
O3B 1FZ I . 20.98 11.71 -18.69
PG 1FZ I . 22.37 12.19 -17.99
O1G 1FZ I . 23.23 10.95 -17.96
O3G 1FZ I . 22.82 13.29 -18.87
O2G 1FZ I . 21.82 12.73 -16.69
MG MG J . 24.04 9.67 -19.63
#